data_5O7P
#
_entry.id   5O7P
#
_cell.length_a   141.131
_cell.length_b   141.131
_cell.length_c   320.817
_cell.angle_alpha   90.00
_cell.angle_beta   90.00
_cell.angle_gamma   120.00
#
_symmetry.space_group_name_H-M   'P 64 2 2'
#
loop_
_entity.id
_entity.type
_entity.pdbx_description
1 polymer 'Receptor tyrosine-protein kinase erbB-3'
2 polymer 'MF3178 FAB light chain'
3 polymer 'MF3178 FAB heavy chain'
4 branched beta-D-mannopyranose-(1-4)-2-acetamido-2-deoxy-beta-D-glucopyranose-(1-4)-2-acetamido-2-deoxy-beta-D-glucopyranose
5 non-polymer 2-acetamido-2-deoxy-beta-D-glucopyranose
#
loop_
_entity_poly.entity_id
_entity_poly.type
_entity_poly.pdbx_seq_one_letter_code
_entity_poly.pdbx_strand_id
1 'polypeptide(L)'
;MRANDALQVLGLLFSLARGSEVGNSQAVCPGTLNGLSVTGDAENQYQTLYKLYERCEVVMGNLEIVLTGHNADLSFLQWI
REVTGYVLVAMNEFSTLPLPNLRVVRGTQVYDGKFAIFVMLNYNTNSSHALRQLRLTQLTEILSGGVYIEKNDKLCHMDT
IDWRDIVRDRDAEIVVKDNGRSCPPCHEVCKGRCWGPGSEDCQTLTKTICAPQCNGHCFGPNPNQCCHDECAGGCSGPQD
TDCFACRHFNDSGACVPRCPQPLVYNKLTFQLEPNPHTKYQYGGVCVASCPHNFVVDQTSCVRACPPDKMEVDKNGLKMC
EPCGGLCPKACEGTGSGSRFQTVDSSNIDGFVNCTKILGNLDFLITGLNGDPWHKIPALDPEKLNVFRTVREITGYLNIQ
SWPPHMHNFSVFSNLTTIGGRSLYNRGFSLLIMKNLNVTSLGFRSLKEISAGRIYISANRQLCYHHSLNWTKVLRGPTEE
RLDIKHNRPRRDCVAEGKVCDPLCSSGGCWGPGPGQCLSCRNYSRGGVCVTHCNFLNGEPREFAHEAECFSCHPECQPME
GTATCNGSGSDTCAQCAHFRDGPHCVSSCPHGVLGAKGPIYKYPDVQNECRPCHENCTQGCKGPELQDCLGQTLVLIGKT
HLTHHHHHH
;
C
2 'polypeptide(L)'
;DIQMTQSPSSLSASVGDRVTITCRASQSISSYLNWYQQKPGKAPKLLIYAASSLQSGVPSRFSGSGSGTDFTLTISSLQP
EDFATYYCQQSYSTPPTFGQGTKVEIKRTVAAPSVFIFPPSDEQLKSGTASVVCLLNNFYPREAKVQWKVDNALQSGNSQ
ESVTEQDSKDSTYSLSSTLTLSKADYEKHKVYACEVTHQGLSSPVTKSFNRGEC
;
A
3 'polypeptide(L)'
;MGWSCIILFLVLLLAQPAMAQVQLVQSGAEVKKPGASVKVSCKASGYTFTGYYMHWVRQAPGQGLEWMGWINPNSGGTNY
AQKFQGRVTMTRDTSISTAYMELSRLRSDDTAVYYCARDHGSRHFWSYWGFDYWGQGTLVTVSSASTKGPSVFPLAPSSK
STSGGTAALGCLVKDYFPEPVTVSWNSGALTSGVHTFPAVLQSSGLYSLSSVVTVPSSSLGTQTYICNVNHKPSNTKVDK
RVEPKSCAAA
;
B
#
# COMPACT_ATOMS: atom_id res chain seq x y z
N GLN A 26 18.68 -5.82 -36.13
CA GLN A 26 17.81 -4.98 -36.93
C GLN A 26 18.61 -4.22 -38.00
N ALA A 27 18.24 -4.43 -39.26
CA ALA A 27 18.89 -3.77 -40.38
C ALA A 27 18.03 -2.67 -40.98
N VAL A 28 16.95 -2.28 -40.31
CA VAL A 28 15.99 -1.31 -40.83
C VAL A 28 15.89 -0.15 -39.85
N CYS A 29 15.84 1.07 -40.39
CA CYS A 29 15.82 2.28 -39.58
C CYS A 29 14.89 3.30 -40.23
N PRO A 30 14.01 3.94 -39.46
CA PRO A 30 13.08 4.93 -40.04
C PRO A 30 13.82 6.13 -40.61
N GLY A 31 13.09 6.93 -41.38
CA GLY A 31 13.69 8.01 -42.15
C GLY A 31 13.57 9.39 -41.56
N THR A 32 12.36 9.86 -41.31
CA THR A 32 12.14 11.22 -40.82
C THR A 32 11.45 11.22 -39.45
N ARG A 55 24.92 -0.60 -39.38
CA ARG A 55 23.88 -0.34 -38.38
C ARG A 55 22.50 -0.39 -39.02
N CYS A 56 22.39 0.14 -40.24
CA CYS A 56 21.12 0.16 -40.98
C CYS A 56 21.37 -0.29 -42.41
N GLU A 57 20.47 -1.13 -42.93
CA GLU A 57 20.48 -1.54 -44.32
C GLU A 57 19.31 -0.99 -45.13
N VAL A 58 18.14 -0.84 -44.51
CA VAL A 58 16.94 -0.35 -45.18
C VAL A 58 16.48 0.90 -44.45
N VAL A 59 15.96 1.86 -45.22
CA VAL A 59 15.52 3.16 -44.69
C VAL A 59 14.03 3.29 -44.91
N MET A 60 13.27 3.36 -43.81
CA MET A 60 11.82 3.56 -43.87
C MET A 60 11.55 5.07 -43.85
N GLY A 61 11.55 5.67 -45.03
CA GLY A 61 11.34 7.10 -45.16
C GLY A 61 12.38 7.77 -46.02
N ASN A 62 12.63 9.05 -45.77
CA ASN A 62 13.59 9.83 -46.53
C ASN A 62 14.92 9.89 -45.79
N LEU A 63 16.01 9.79 -46.54
CA LEU A 63 17.35 9.93 -45.99
C LEU A 63 17.83 11.34 -46.34
N GLU A 64 17.78 12.24 -45.36
CA GLU A 64 18.07 13.65 -45.57
C GLU A 64 19.29 14.03 -44.74
N ILE A 65 20.37 14.40 -45.43
CA ILE A 65 21.64 14.73 -44.80
C ILE A 65 21.96 16.19 -45.14
N VAL A 66 21.85 17.07 -44.14
CA VAL A 66 22.09 18.49 -44.34
C VAL A 66 22.85 19.04 -43.13
N LEU A 67 23.68 20.06 -43.39
CA LEU A 67 24.35 20.89 -42.41
C LEU A 67 25.38 20.13 -41.57
N THR A 68 25.54 18.82 -41.75
CA THR A 68 26.49 18.08 -40.95
C THR A 68 27.93 18.44 -41.36
N GLY A 69 28.82 18.48 -40.37
CA GLY A 69 30.17 18.97 -40.56
C GLY A 69 31.00 18.11 -41.48
N HIS A 70 32.26 18.52 -41.63
CA HIS A 70 33.18 17.86 -42.55
C HIS A 70 33.80 16.61 -41.94
N ASN A 71 34.07 16.62 -40.64
CA ASN A 71 34.79 15.54 -39.97
C ASN A 71 33.87 14.48 -39.37
N ALA A 72 32.60 14.45 -39.75
CA ALA A 72 31.67 13.47 -39.19
C ALA A 72 31.95 12.09 -39.77
N ASP A 73 31.91 11.08 -38.91
CA ASP A 73 32.10 9.69 -39.32
C ASP A 73 30.85 9.23 -40.06
N LEU A 74 30.91 9.20 -41.39
CA LEU A 74 29.79 8.79 -42.22
C LEU A 74 29.78 7.29 -42.50
N SER A 75 30.54 6.51 -41.74
CA SER A 75 30.65 5.08 -41.99
C SER A 75 29.47 4.28 -41.44
N PHE A 76 28.63 4.87 -40.59
CA PHE A 76 27.43 4.16 -40.17
C PHE A 76 26.41 4.04 -41.28
N LEU A 77 26.66 4.65 -42.43
CA LEU A 77 25.86 4.49 -43.64
C LEU A 77 26.47 3.50 -44.62
N GLN A 78 27.40 2.66 -44.14
CA GLN A 78 28.13 1.76 -45.02
C GLN A 78 27.28 0.57 -45.46
N TRP A 79 26.31 0.15 -44.65
CA TRP A 79 25.53 -1.05 -44.91
C TRP A 79 24.23 -0.78 -45.64
N ILE A 80 23.90 0.49 -45.92
CA ILE A 80 22.59 0.81 -46.49
C ILE A 80 22.43 0.15 -47.84
N ARG A 81 21.29 -0.48 -48.06
CA ARG A 81 21.00 -1.20 -49.30
C ARG A 81 19.83 -0.58 -50.07
N GLU A 82 18.71 -0.32 -49.40
CA GLU A 82 17.52 0.21 -50.05
C GLU A 82 16.96 1.38 -49.25
N VAL A 83 16.42 2.37 -49.94
CA VAL A 83 15.79 3.54 -49.34
C VAL A 83 14.41 3.71 -49.96
N THR A 84 13.38 3.81 -49.12
CA THR A 84 12.02 3.89 -49.62
C THR A 84 11.70 5.27 -50.16
N GLY A 85 12.03 6.32 -49.42
CA GLY A 85 11.72 7.68 -49.80
C GLY A 85 12.74 8.27 -50.76
N TYR A 86 12.95 9.57 -50.64
CA TYR A 86 13.91 10.27 -51.48
C TYR A 86 15.21 10.52 -50.72
N VAL A 87 16.22 10.98 -51.45
CA VAL A 87 17.54 11.26 -50.91
C VAL A 87 17.82 12.75 -51.12
N LEU A 88 18.14 13.45 -50.03
CA LEU A 88 18.29 14.89 -50.04
C LEU A 88 19.60 15.27 -49.37
N VAL A 89 20.49 15.96 -50.10
CA VAL A 89 21.78 16.38 -49.60
C VAL A 89 21.99 17.84 -49.98
N ALA A 90 22.07 18.72 -48.97
CA ALA A 90 22.23 20.14 -49.21
C ALA A 90 22.95 20.78 -48.02
N MET A 91 23.59 21.92 -48.29
CA MET A 91 24.20 22.76 -47.27
C MET A 91 25.22 21.99 -46.43
N ASN A 92 25.92 21.04 -47.04
CA ASN A 92 26.90 20.24 -46.34
C ASN A 92 28.31 20.72 -46.66
N GLU A 93 29.28 20.21 -45.89
CA GLU A 93 30.67 20.62 -46.03
C GLU A 93 31.65 19.45 -46.08
N PHE A 94 31.18 18.21 -46.10
CA PHE A 94 32.11 17.08 -46.18
C PHE A 94 32.50 16.82 -47.63
N SER A 95 33.58 16.06 -47.80
CA SER A 95 34.20 15.89 -49.11
C SER A 95 33.62 14.74 -49.92
N THR A 96 33.36 13.60 -49.28
CA THR A 96 32.93 12.41 -49.99
C THR A 96 31.66 11.84 -49.38
N LEU A 97 30.78 11.36 -50.25
CA LEU A 97 29.63 10.57 -49.84
C LEU A 97 29.92 9.11 -50.10
N PRO A 98 29.89 8.24 -49.09
CA PRO A 98 30.19 6.82 -49.32
C PRO A 98 28.97 5.92 -49.20
N LEU A 99 28.50 5.36 -50.32
CA LEU A 99 27.41 4.38 -50.35
C LEU A 99 27.86 3.18 -51.18
N PRO A 100 28.81 2.40 -50.67
CA PRO A 100 29.31 1.25 -51.44
C PRO A 100 28.33 0.11 -51.54
N ASN A 101 27.35 0.01 -50.63
CA ASN A 101 26.38 -1.05 -50.65
C ASN A 101 24.99 -0.59 -51.08
N LEU A 102 24.78 0.71 -51.28
CA LEU A 102 23.48 1.18 -51.72
C LEU A 102 23.18 0.65 -53.12
N ARG A 103 21.99 0.11 -53.30
CA ARG A 103 21.61 -0.49 -54.57
C ARG A 103 20.32 0.08 -55.14
N VAL A 104 19.34 0.41 -54.30
CA VAL A 104 18.02 0.83 -54.76
C VAL A 104 17.53 2.01 -53.93
N VAL A 105 16.97 3.02 -54.60
CA VAL A 105 16.20 4.08 -53.96
C VAL A 105 14.82 4.04 -54.59
N ARG A 106 13.83 3.58 -53.82
CA ARG A 106 12.51 3.33 -54.39
C ARG A 106 11.75 4.63 -54.68
N GLY A 107 12.01 5.67 -53.90
CA GLY A 107 11.39 6.96 -54.15
C GLY A 107 9.87 6.94 -54.05
N THR A 108 9.35 6.39 -52.95
CA THR A 108 7.91 6.45 -52.72
C THR A 108 7.42 7.87 -52.50
N GLN A 109 8.32 8.82 -52.29
CA GLN A 109 8.00 10.23 -52.13
C GLN A 109 9.05 11.03 -52.88
N VAL A 110 8.60 11.95 -53.74
CA VAL A 110 9.49 12.78 -54.54
C VAL A 110 9.55 14.18 -53.94
N TYR A 111 10.72 14.80 -54.01
CA TYR A 111 10.90 16.16 -53.52
C TYR A 111 10.84 17.13 -54.70
N ASP A 112 10.35 18.33 -54.41
CA ASP A 112 10.03 19.33 -55.43
C ASP A 112 9.06 18.80 -56.48
N GLY A 113 8.36 17.70 -56.15
CA GLY A 113 7.38 17.12 -57.02
C GLY A 113 7.92 16.39 -58.23
N LYS A 114 9.21 16.11 -58.27
CA LYS A 114 9.80 15.56 -59.50
C LYS A 114 10.98 14.63 -59.25
N PHE A 115 11.68 14.78 -58.14
CA PHE A 115 12.96 14.13 -57.95
C PHE A 115 12.96 13.22 -56.72
N ALA A 116 13.52 12.03 -56.90
CA ALA A 116 13.81 11.12 -55.79
C ALA A 116 15.23 11.28 -55.27
N ILE A 117 16.10 11.96 -56.02
CA ILE A 117 17.44 12.29 -55.58
C ILE A 117 17.67 13.77 -55.85
N PHE A 118 18.09 14.50 -54.81
CA PHE A 118 18.17 15.96 -54.87
C PHE A 118 19.41 16.39 -54.11
N VAL A 119 20.48 16.71 -54.84
CA VAL A 119 21.75 17.15 -54.26
C VAL A 119 22.06 18.53 -54.81
N MET A 120 22.42 19.46 -53.92
CA MET A 120 22.59 20.84 -54.34
C MET A 120 23.30 21.63 -53.25
N LEU A 121 24.26 22.47 -53.68
CA LEU A 121 24.88 23.50 -52.83
C LEU A 121 25.49 22.90 -51.57
N ASN A 122 26.41 21.96 -51.77
CA ASN A 122 27.13 21.30 -50.68
C ASN A 122 28.58 21.78 -50.69
N TYR A 123 28.76 23.04 -50.30
CA TYR A 123 30.09 23.63 -50.26
C TYR A 123 30.02 24.90 -49.42
N ASN A 124 31.18 25.46 -49.15
CA ASN A 124 31.30 26.72 -48.44
C ASN A 124 31.96 27.76 -49.34
N THR A 125 31.77 29.03 -49.01
CA THR A 125 32.30 30.11 -49.84
C THR A 125 33.75 30.47 -49.49
N ASN A 126 34.10 30.54 -48.21
CA ASN A 126 35.45 31.00 -47.83
C ASN A 126 36.07 30.11 -46.75
N SER A 127 35.94 28.80 -46.89
CA SER A 127 36.60 27.85 -45.99
C SER A 127 37.02 26.63 -46.79
N SER A 128 37.68 25.69 -46.13
CA SER A 128 38.30 24.54 -46.80
C SER A 128 37.42 23.29 -46.70
N HIS A 129 36.16 23.38 -47.13
CA HIS A 129 35.24 22.26 -47.01
C HIS A 129 34.24 22.30 -48.17
N ALA A 130 34.17 21.22 -48.93
CA ALA A 130 33.26 21.11 -50.06
C ALA A 130 33.17 19.66 -50.49
N LEU A 131 32.10 19.33 -51.21
CA LEU A 131 31.88 17.97 -51.71
C LEU A 131 32.69 17.73 -52.98
N ARG A 132 33.27 16.53 -53.08
CA ARG A 132 34.08 16.17 -54.23
C ARG A 132 33.58 14.94 -54.97
N GLN A 133 33.11 13.92 -54.28
CA GLN A 133 32.74 12.68 -54.93
C GLN A 133 31.45 12.11 -54.33
N LEU A 134 30.71 11.41 -55.19
CA LEU A 134 29.62 10.54 -54.77
C LEU A 134 30.06 9.11 -55.04
N ARG A 135 30.38 8.36 -53.99
CA ARG A 135 30.92 7.01 -54.13
C ARG A 135 29.77 6.00 -54.04
N LEU A 136 29.09 5.82 -55.17
CA LEU A 136 27.95 4.90 -55.28
C LEU A 136 28.33 3.77 -56.23
N THR A 137 29.29 2.95 -55.80
CA THR A 137 29.83 1.92 -56.67
C THR A 137 28.87 0.76 -56.92
N GLN A 138 27.75 0.70 -56.20
CA GLN A 138 26.79 -0.40 -56.39
C GLN A 138 25.37 0.10 -56.56
N LEU A 139 25.18 1.38 -56.83
CA LEU A 139 23.84 1.91 -57.08
C LEU A 139 23.30 1.35 -58.39
N THR A 140 21.99 1.08 -58.43
CA THR A 140 21.42 0.39 -59.58
C THR A 140 20.18 1.08 -60.15
N GLU A 141 19.12 1.23 -59.36
CA GLU A 141 17.84 1.63 -59.91
C GLU A 141 17.15 2.67 -59.03
N ILE A 142 16.32 3.49 -59.68
CA ILE A 142 15.36 4.39 -59.03
C ILE A 142 13.99 4.09 -59.60
N LEU A 143 13.01 3.90 -58.73
CA LEU A 143 11.71 3.43 -59.18
C LEU A 143 10.84 4.57 -59.72
N SER A 144 10.86 5.72 -59.07
CA SER A 144 10.04 6.85 -59.50
C SER A 144 10.80 8.15 -59.28
N GLY A 145 10.42 9.17 -60.05
CA GLY A 145 11.02 10.48 -59.94
C GLY A 145 12.27 10.62 -60.79
N GLY A 146 12.80 11.85 -60.80
CA GLY A 146 13.98 12.19 -61.55
C GLY A 146 15.18 12.48 -60.66
N VAL A 147 16.18 13.13 -61.25
CA VAL A 147 17.42 13.46 -60.55
C VAL A 147 17.71 14.94 -60.78
N TYR A 148 17.97 15.65 -59.69
CA TYR A 148 18.31 17.08 -59.74
C TYR A 148 19.62 17.28 -59.00
N ILE A 149 20.68 17.61 -59.75
CA ILE A 149 21.99 17.94 -59.19
C ILE A 149 22.44 19.24 -59.81
N GLU A 150 22.62 20.27 -58.98
CA GLU A 150 22.92 21.60 -59.48
C GLU A 150 23.67 22.40 -58.43
N LYS A 151 24.58 23.26 -58.89
CA LYS A 151 25.26 24.24 -58.05
C LYS A 151 26.11 23.58 -56.96
N ASN A 152 26.79 22.50 -57.33
CA ASN A 152 27.78 21.86 -56.47
C ASN A 152 29.15 22.10 -57.09
N ASP A 153 29.97 22.91 -56.40
CA ASP A 153 31.12 23.53 -57.05
C ASP A 153 32.12 22.50 -57.58
N LYS A 154 32.35 21.43 -56.84
CA LYS A 154 33.42 20.49 -57.17
C LYS A 154 32.94 19.04 -57.12
N LEU A 155 31.74 18.79 -57.65
CA LEU A 155 31.22 17.43 -57.78
C LEU A 155 31.50 16.94 -59.20
N CYS A 156 32.17 15.80 -59.29
CA CYS A 156 32.69 15.31 -60.57
C CYS A 156 32.00 14.02 -61.00
N HIS A 157 32.29 13.62 -62.23
CA HIS A 157 31.93 12.34 -62.84
C HIS A 157 30.43 12.17 -63.05
N MET A 158 29.60 13.18 -62.77
CA MET A 158 28.16 13.05 -62.95
C MET A 158 27.74 13.19 -64.41
N ASP A 159 28.56 13.85 -65.23
CA ASP A 159 28.24 13.98 -66.65
C ASP A 159 28.49 12.71 -67.43
N THR A 160 29.32 11.81 -66.92
CA THR A 160 29.69 10.62 -67.67
C THR A 160 28.67 9.49 -67.48
N ILE A 161 28.07 9.39 -66.30
CA ILE A 161 27.15 8.30 -66.01
C ILE A 161 25.80 8.59 -66.66
N ASP A 162 25.31 7.64 -67.45
CA ASP A 162 24.05 7.81 -68.14
C ASP A 162 22.90 7.62 -67.17
N TRP A 163 22.00 8.62 -67.11
CA TRP A 163 20.92 8.60 -66.14
C TRP A 163 19.72 7.80 -66.61
N ARG A 164 19.61 7.54 -67.93
CA ARG A 164 18.47 6.79 -68.45
C ARG A 164 18.44 5.37 -67.92
N ASP A 165 19.54 4.88 -67.34
CA ASP A 165 19.58 3.51 -66.86
C ASP A 165 18.96 3.38 -65.47
N ILE A 166 19.32 4.29 -64.56
CA ILE A 166 18.87 4.15 -63.17
C ILE A 166 17.40 4.51 -63.04
N VAL A 167 17.02 5.69 -63.52
CA VAL A 167 15.63 6.12 -63.45
C VAL A 167 14.80 5.33 -64.46
N ARG A 168 13.67 4.80 -64.00
CA ARG A 168 12.79 4.02 -64.86
C ARG A 168 11.70 4.86 -65.51
N ASP A 169 11.46 6.08 -65.03
CA ASP A 169 10.52 7.00 -65.68
C ASP A 169 11.26 7.72 -66.80
N ARG A 170 10.83 7.46 -68.04
CA ARG A 170 11.54 8.00 -69.20
C ARG A 170 11.51 9.53 -69.21
N ASP A 171 10.32 10.11 -69.08
CA ASP A 171 10.14 11.56 -69.15
C ASP A 171 10.32 12.24 -67.80
N ALA A 172 11.01 11.61 -66.87
CA ALA A 172 11.37 12.29 -65.63
C ALA A 172 12.48 13.30 -65.89
N GLU A 173 12.37 14.46 -65.27
CA GLU A 173 13.33 15.53 -65.50
C GLU A 173 14.66 15.20 -64.86
N ILE A 174 15.70 15.10 -65.68
CA ILE A 174 17.07 14.83 -65.22
C ILE A 174 17.95 15.94 -65.78
N VAL A 175 18.44 16.80 -64.90
CA VAL A 175 19.26 17.95 -65.29
C VAL A 175 20.49 17.99 -64.40
N VAL A 176 21.67 18.07 -65.02
CA VAL A 176 22.94 18.22 -64.30
C VAL A 176 23.75 19.33 -64.95
N LYS A 177 23.80 20.50 -64.31
CA LYS A 177 24.53 21.64 -64.84
C LYS A 177 25.29 22.35 -63.73
N ASP A 178 26.14 23.30 -64.15
CA ASP A 178 27.00 24.14 -63.28
C ASP A 178 27.51 23.42 -62.05
N ASN A 179 28.07 22.23 -62.21
CA ASN A 179 28.60 21.44 -61.10
C ASN A 179 30.12 21.51 -61.14
N GLY A 180 30.84 20.38 -61.16
CA GLY A 180 32.28 20.41 -61.06
C GLY A 180 32.94 21.08 -62.25
N ARG A 181 34.16 21.57 -62.03
CA ARG A 181 34.88 22.31 -63.05
C ARG A 181 35.98 21.46 -63.69
N SER A 182 37.18 21.54 -63.13
CA SER A 182 38.35 20.89 -63.72
C SER A 182 38.43 19.41 -63.35
N CYS A 183 37.37 18.66 -63.64
CA CYS A 183 37.33 17.25 -63.25
C CYS A 183 38.24 16.43 -64.15
N PRO A 184 39.09 15.57 -63.58
CA PRO A 184 39.95 14.72 -64.40
C PRO A 184 39.13 13.67 -65.12
N PRO A 185 39.64 13.12 -66.22
CA PRO A 185 38.88 12.13 -66.98
C PRO A 185 38.69 10.84 -66.19
N CYS A 186 37.74 10.03 -66.66
CA CYS A 186 37.49 8.76 -66.01
C CYS A 186 38.61 7.78 -66.29
N HIS A 187 38.79 6.82 -65.41
CA HIS A 187 39.89 5.87 -65.52
C HIS A 187 39.74 5.01 -66.77
N GLU A 188 40.87 4.54 -67.29
CA GLU A 188 40.89 3.87 -68.57
C GLU A 188 40.22 2.49 -68.52
N VAL A 189 40.29 1.82 -67.37
CA VAL A 189 39.62 0.53 -67.22
C VAL A 189 38.11 0.70 -67.33
N CYS A 190 37.60 1.87 -66.97
CA CYS A 190 36.17 2.07 -66.78
C CYS A 190 35.43 2.50 -68.04
N LYS A 191 36.14 2.71 -69.15
CA LYS A 191 35.51 3.10 -70.43
C LYS A 191 34.72 4.40 -70.29
N GLY A 192 35.25 5.35 -69.52
CA GLY A 192 34.63 6.65 -69.39
C GLY A 192 33.28 6.65 -68.72
N ARG A 193 33.05 5.73 -67.77
CA ARG A 193 31.77 5.61 -67.06
C ARG A 193 32.07 5.24 -65.61
N CYS A 194 32.44 6.23 -64.80
CA CYS A 194 32.80 5.95 -63.42
C CYS A 194 32.28 7.04 -62.48
N TRP A 195 32.37 6.73 -61.18
CA TRP A 195 31.98 7.64 -60.11
C TRP A 195 33.18 8.36 -59.48
N GLY A 196 34.39 7.87 -59.71
CA GLY A 196 35.57 8.49 -59.18
C GLY A 196 36.81 8.09 -59.95
N PRO A 197 37.97 8.66 -59.57
CA PRO A 197 39.21 8.30 -60.26
C PRO A 197 39.68 6.89 -60.01
N GLY A 198 39.12 6.21 -59.01
CA GLY A 198 39.51 4.85 -58.72
C GLY A 198 39.17 3.90 -59.86
N SER A 199 39.75 2.70 -59.77
CA SER A 199 39.56 1.68 -60.78
C SER A 199 38.51 0.65 -60.41
N GLU A 200 37.96 0.72 -59.21
CA GLU A 200 36.86 -0.15 -58.78
C GLU A 200 35.53 0.60 -58.70
N ASP A 201 35.54 1.91 -58.94
CA ASP A 201 34.33 2.72 -58.83
C ASP A 201 33.77 3.06 -60.21
N CYS A 202 33.37 2.01 -60.94
CA CYS A 202 32.78 2.22 -62.26
C CYS A 202 31.90 1.01 -62.60
N GLN A 203 30.61 1.14 -62.31
CA GLN A 203 29.63 0.13 -62.69
C GLN A 203 28.89 0.57 -63.95
N THR A 204 27.88 1.41 -63.79
CA THR A 204 27.03 1.92 -64.89
C THR A 204 26.44 0.70 -65.61
N LEU A 205 26.44 0.69 -66.94
CA LEU A 205 25.96 -0.44 -67.76
C LEU A 205 24.46 -0.63 -67.47
N THR A 206 24.00 -1.88 -67.40
CA THR A 206 22.64 -2.26 -66.99
C THR A 206 21.57 -1.90 -68.03
N LYS A 207 21.90 -0.98 -68.94
CA LYS A 207 20.95 -0.58 -69.97
C LYS A 207 20.52 -1.76 -70.82
N THR A 208 19.20 -1.98 -70.92
CA THR A 208 18.65 -3.06 -71.72
C THR A 208 17.37 -2.59 -72.39
N ILE A 209 17.16 -3.06 -73.62
CA ILE A 209 15.90 -2.85 -74.32
C ILE A 209 14.97 -4.00 -73.90
N CYS A 210 13.79 -4.08 -74.51
CA CYS A 210 12.78 -5.00 -74.00
C CYS A 210 11.77 -5.33 -75.09
N ALA A 211 11.24 -6.56 -75.03
CA ALA A 211 10.13 -6.95 -75.89
C ALA A 211 8.81 -6.50 -75.26
N PRO A 212 7.83 -6.09 -76.07
CA PRO A 212 6.57 -5.59 -75.50
C PRO A 212 5.83 -6.59 -74.64
N GLN A 213 6.19 -7.88 -74.70
CA GLN A 213 5.53 -8.88 -73.88
C GLN A 213 5.77 -8.63 -72.40
N CYS A 214 7.03 -8.51 -72.00
CA CYS A 214 7.37 -8.24 -70.61
C CYS A 214 6.97 -6.84 -70.16
N ASN A 215 6.49 -6.00 -71.08
CA ASN A 215 6.03 -4.65 -70.78
C ASN A 215 7.15 -3.78 -70.23
N GLY A 216 7.18 -3.58 -68.90
CA GLY A 216 8.14 -2.67 -68.33
C GLY A 216 9.19 -3.29 -67.43
N HIS A 217 9.07 -4.59 -67.17
CA HIS A 217 9.95 -5.30 -66.24
C HIS A 217 10.61 -6.45 -66.99
N CYS A 218 11.89 -6.27 -67.32
CA CYS A 218 12.63 -7.21 -68.15
C CYS A 218 14.11 -7.02 -67.91
N PHE A 219 14.90 -8.01 -68.34
CA PHE A 219 16.35 -7.91 -68.29
C PHE A 219 16.98 -8.03 -69.68
N GLY A 220 16.18 -8.03 -70.74
CA GLY A 220 16.68 -8.15 -72.08
C GLY A 220 15.61 -7.94 -73.13
N PRO A 221 16.01 -7.86 -74.40
CA PRO A 221 15.04 -7.59 -75.47
C PRO A 221 14.33 -8.83 -75.98
N ASN A 222 14.88 -10.02 -75.79
CA ASN A 222 14.29 -11.22 -76.37
C ASN A 222 13.01 -11.61 -75.64
N PRO A 223 12.11 -12.33 -76.31
CA PRO A 223 10.88 -12.79 -75.63
C PRO A 223 11.13 -13.77 -74.50
N ASN A 224 12.36 -14.24 -74.32
CA ASN A 224 12.70 -15.18 -73.26
C ASN A 224 13.15 -14.48 -71.98
N GLN A 225 13.07 -13.15 -71.93
CA GLN A 225 13.73 -12.41 -70.87
C GLN A 225 12.79 -11.52 -70.06
N CYS A 226 11.68 -12.07 -69.59
CA CYS A 226 10.78 -11.30 -68.72
C CYS A 226 11.21 -11.50 -67.27
N CYS A 227 11.27 -10.40 -66.52
CA CYS A 227 11.58 -10.50 -65.10
C CYS A 227 10.47 -11.23 -64.36
N HIS A 228 10.73 -11.54 -63.10
CA HIS A 228 9.74 -12.18 -62.26
C HIS A 228 8.59 -11.23 -61.98
N ASP A 229 7.45 -11.80 -61.58
CA ASP A 229 6.27 -10.99 -61.31
C ASP A 229 6.46 -10.08 -60.10
N GLU A 230 7.28 -10.50 -59.13
CA GLU A 230 7.44 -9.79 -57.86
C GLU A 230 8.58 -8.78 -57.86
N CYS A 231 8.85 -8.15 -59.01
CA CYS A 231 10.01 -7.28 -59.14
C CYS A 231 9.57 -5.87 -59.51
N ALA A 232 9.97 -4.90 -58.69
CA ALA A 232 9.51 -3.53 -58.90
C ALA A 232 10.12 -2.91 -60.15
N GLY A 233 11.35 -3.28 -60.48
CA GLY A 233 12.00 -2.70 -61.63
C GLY A 233 12.70 -3.72 -62.51
N GLY A 234 14.02 -3.62 -62.62
CA GLY A 234 14.79 -4.53 -63.43
C GLY A 234 15.37 -5.69 -62.65
N CYS A 235 15.87 -6.68 -63.39
CA CYS A 235 16.42 -7.89 -62.81
C CYS A 235 17.71 -8.26 -63.52
N SER A 236 18.48 -9.10 -62.86
CA SER A 236 19.66 -9.73 -63.47
C SER A 236 19.35 -11.11 -64.01
N GLY A 237 18.12 -11.59 -63.82
CA GLY A 237 17.72 -12.88 -64.30
C GLY A 237 16.24 -13.10 -64.07
N PRO A 238 15.68 -14.18 -64.62
CA PRO A 238 14.23 -14.41 -64.47
C PRO A 238 13.82 -14.78 -63.06
N GLN A 239 14.77 -15.16 -62.20
CA GLN A 239 14.44 -15.62 -60.86
C GLN A 239 13.93 -14.48 -59.98
N ASP A 240 13.30 -14.86 -58.88
CA ASP A 240 12.81 -13.89 -57.90
C ASP A 240 13.90 -13.44 -56.94
N THR A 241 15.06 -14.09 -56.94
CA THR A 241 16.18 -13.71 -56.08
C THR A 241 17.23 -12.91 -56.83
N ASP A 242 16.99 -12.60 -58.11
CA ASP A 242 17.93 -11.84 -58.92
C ASP A 242 17.55 -10.38 -59.09
N CYS A 243 16.34 -10.00 -58.67
CA CYS A 243 15.87 -8.64 -58.89
C CYS A 243 16.50 -7.67 -57.92
N PHE A 244 16.61 -6.41 -58.35
CA PHE A 244 17.29 -5.41 -57.54
C PHE A 244 16.42 -4.96 -56.38
N ALA A 245 15.14 -4.73 -56.63
CA ALA A 245 14.19 -4.37 -55.58
C ALA A 245 12.91 -5.16 -55.80
N CYS A 246 12.16 -5.35 -54.72
CA CYS A 246 10.92 -6.12 -54.75
C CYS A 246 9.72 -5.19 -54.82
N ARG A 247 8.70 -5.62 -55.55
CA ARG A 247 7.42 -4.92 -55.50
C ARG A 247 6.87 -4.89 -54.09
N HIS A 248 7.03 -5.98 -53.35
CA HIS A 248 6.41 -6.12 -52.05
C HIS A 248 7.44 -6.34 -50.95
N PHE A 249 7.98 -7.56 -50.84
CA PHE A 249 8.80 -7.90 -49.68
C PHE A 249 10.00 -8.73 -50.10
N ASN A 250 11.11 -8.52 -49.39
CA ASN A 250 12.35 -9.26 -49.57
C ASN A 250 12.58 -10.13 -48.35
N ASP A 251 12.62 -11.45 -48.55
CA ASP A 251 12.81 -12.41 -47.46
C ASP A 251 14.02 -13.28 -47.78
N SER A 252 15.11 -13.07 -47.03
CA SER A 252 16.34 -13.86 -47.14
C SER A 252 16.90 -13.85 -48.57
N GLY A 253 16.60 -12.79 -49.33
CA GLY A 253 17.17 -12.60 -50.64
C GLY A 253 16.18 -12.66 -51.79
N ALA A 254 14.99 -13.19 -51.56
CA ALA A 254 14.01 -13.38 -52.63
C ALA A 254 12.88 -12.35 -52.52
N CYS A 255 12.25 -12.07 -53.65
CA CYS A 255 11.08 -11.21 -53.70
C CYS A 255 9.82 -12.06 -53.67
N VAL A 256 8.94 -11.80 -52.72
CA VAL A 256 7.76 -12.64 -52.51
C VAL A 256 6.53 -11.73 -52.38
N PRO A 257 5.34 -12.28 -52.68
CA PRO A 257 4.11 -11.50 -52.47
C PRO A 257 3.81 -11.23 -51.00
N ARG A 258 3.91 -12.26 -50.17
CA ARG A 258 3.67 -12.13 -48.73
C ARG A 258 4.67 -13.00 -47.98
N CYS A 259 4.86 -12.68 -46.69
CA CYS A 259 5.76 -13.44 -45.85
C CYS A 259 5.09 -14.72 -45.36
N PRO A 260 5.87 -15.70 -44.93
CA PRO A 260 5.30 -16.96 -44.42
C PRO A 260 4.17 -16.74 -43.42
N GLN A 261 3.04 -17.39 -43.67
CA GLN A 261 1.85 -17.20 -42.86
C GLN A 261 2.03 -17.85 -41.48
N PRO A 262 1.41 -17.31 -40.45
CA PRO A 262 1.53 -17.92 -39.11
C PRO A 262 0.92 -19.31 -39.03
N LEU A 263 -0.06 -19.62 -39.88
CA LEU A 263 -0.75 -20.90 -39.85
C LEU A 263 -0.61 -21.58 -41.19
N VAL A 264 -0.22 -22.86 -41.17
CA VAL A 264 -0.05 -23.66 -42.38
C VAL A 264 -0.83 -24.96 -42.20
N TYR A 265 -1.63 -25.30 -43.21
CA TYR A 265 -2.40 -26.54 -43.16
C TYR A 265 -1.46 -27.74 -43.17
N ASN A 266 -1.70 -28.68 -42.25
CA ASN A 266 -0.89 -29.88 -42.12
C ASN A 266 -1.75 -31.07 -42.53
N LYS A 267 -1.36 -31.75 -43.61
CA LYS A 267 -2.10 -32.89 -44.11
C LYS A 267 -1.98 -34.12 -43.20
N LEU A 268 -1.13 -34.06 -42.18
CA LEU A 268 -1.07 -35.14 -41.19
C LEU A 268 -2.13 -34.96 -40.11
N THR A 269 -2.35 -33.72 -39.65
CA THR A 269 -3.31 -33.43 -38.60
C THR A 269 -4.67 -32.99 -39.13
N PHE A 270 -4.80 -32.78 -40.45
CA PHE A 270 -6.06 -32.37 -41.07
C PHE A 270 -6.59 -31.07 -40.46
N GLN A 271 -5.69 -30.18 -40.06
CA GLN A 271 -6.10 -29.01 -39.28
C GLN A 271 -5.03 -27.93 -39.40
N LEU A 272 -5.45 -26.70 -39.13
CA LEU A 272 -4.50 -25.60 -39.01
C LEU A 272 -3.51 -25.89 -37.89
N GLU A 273 -2.23 -25.64 -38.17
CA GLU A 273 -1.15 -25.95 -37.24
C GLU A 273 -0.14 -24.81 -37.28
N PRO A 274 0.50 -24.51 -36.15
CA PRO A 274 1.50 -23.42 -36.14
C PRO A 274 2.68 -23.73 -37.04
N ASN A 275 3.23 -22.68 -37.64
CA ASN A 275 4.34 -22.80 -38.57
C ASN A 275 5.63 -22.40 -37.88
N PRO A 276 6.64 -23.27 -37.79
CA PRO A 276 7.87 -22.91 -37.08
C PRO A 276 8.81 -21.99 -37.86
N HIS A 277 8.57 -21.78 -39.16
CA HIS A 277 9.42 -20.92 -39.96
C HIS A 277 8.66 -19.67 -40.39
N THR A 278 8.03 -18.98 -39.44
CA THR A 278 7.21 -17.82 -39.74
C THR A 278 8.06 -16.55 -39.81
N LYS A 279 7.56 -15.57 -40.55
CA LYS A 279 8.15 -14.25 -40.61
C LYS A 279 7.03 -13.22 -40.62
N TYR A 280 7.31 -12.05 -40.06
CA TYR A 280 6.32 -10.99 -39.90
C TYR A 280 6.67 -9.81 -40.79
N GLN A 281 5.73 -8.89 -40.90
CA GLN A 281 5.82 -7.76 -41.81
C GLN A 281 6.36 -6.54 -41.07
N TYR A 282 7.56 -6.11 -41.44
CA TYR A 282 8.13 -4.84 -40.96
C TYR A 282 8.50 -4.05 -42.20
N GLY A 283 7.58 -3.21 -42.67
CA GLY A 283 7.82 -2.48 -43.91
C GLY A 283 7.82 -3.44 -45.08
N GLY A 284 8.81 -3.30 -45.95
CA GLY A 284 8.93 -4.17 -47.10
C GLY A 284 9.94 -5.27 -46.90
N VAL A 285 10.16 -5.69 -45.65
CA VAL A 285 11.15 -6.69 -45.30
C VAL A 285 10.49 -7.72 -44.39
N CYS A 286 10.60 -9.00 -44.75
CA CYS A 286 10.15 -10.08 -43.89
C CYS A 286 11.22 -10.37 -42.85
N VAL A 287 10.84 -10.31 -41.58
CA VAL A 287 11.75 -10.63 -40.47
C VAL A 287 11.08 -11.66 -39.58
N ALA A 288 11.91 -12.47 -38.93
CA ALA A 288 11.39 -13.51 -38.04
C ALA A 288 11.01 -12.97 -36.66
N SER A 289 11.50 -11.77 -36.30
CA SER A 289 11.17 -11.16 -35.02
C SER A 289 11.20 -9.65 -35.18
N CYS A 290 10.17 -8.97 -34.65
CA CYS A 290 10.10 -7.53 -34.72
C CYS A 290 11.25 -6.91 -33.92
N PRO A 291 11.58 -5.64 -34.18
CA PRO A 291 12.58 -4.95 -33.34
C PRO A 291 12.19 -5.03 -31.87
N HIS A 292 13.21 -4.95 -31.01
CA HIS A 292 13.04 -5.30 -29.60
C HIS A 292 11.95 -4.47 -28.92
N ASN A 293 11.69 -3.25 -29.39
CA ASN A 293 10.67 -2.42 -28.78
C ASN A 293 9.29 -2.62 -29.38
N PHE A 294 9.19 -3.29 -30.52
CA PHE A 294 7.95 -3.35 -31.28
C PHE A 294 7.06 -4.50 -30.80
N VAL A 295 5.82 -4.50 -31.30
CA VAL A 295 4.82 -5.51 -31.01
C VAL A 295 4.15 -5.92 -32.32
N VAL A 296 3.60 -7.14 -32.34
CA VAL A 296 3.01 -7.70 -33.54
C VAL A 296 1.52 -7.37 -33.59
N ASP A 297 1.05 -6.93 -34.76
CA ASP A 297 -0.37 -6.75 -35.05
C ASP A 297 -0.74 -7.71 -36.16
N GLN A 298 -1.57 -8.71 -35.84
CA GLN A 298 -1.97 -9.74 -36.79
C GLN A 298 -0.75 -10.47 -37.34
N THR A 299 -0.21 -9.96 -38.45
CA THR A 299 0.97 -10.53 -39.08
C THR A 299 2.09 -9.53 -39.28
N SER A 300 1.93 -8.30 -38.79
CA SER A 300 2.90 -7.24 -39.01
C SER A 300 3.31 -6.64 -37.67
N CYS A 301 4.39 -5.86 -37.70
CA CYS A 301 4.93 -5.22 -36.51
C CYS A 301 4.42 -3.79 -36.40
N VAL A 302 4.19 -3.34 -35.16
CA VAL A 302 3.75 -1.97 -34.90
C VAL A 302 4.23 -1.59 -33.50
N ARG A 303 4.42 -0.28 -33.28
CA ARG A 303 4.93 0.19 -32.01
C ARG A 303 3.91 0.05 -30.88
N ALA A 304 2.62 0.17 -31.20
CA ALA A 304 1.56 0.02 -30.22
C ALA A 304 0.36 -0.66 -30.86
N CYS A 305 -0.24 -1.61 -30.13
CA CYS A 305 -1.36 -2.36 -30.68
C CYS A 305 -2.59 -1.45 -30.77
N PRO A 306 -3.44 -1.67 -31.78
CA PRO A 306 -4.62 -0.84 -31.92
C PRO A 306 -5.50 -0.92 -30.68
N PRO A 307 -6.32 0.09 -30.43
CA PRO A 307 -7.06 0.13 -29.16
C PRO A 307 -8.02 -1.02 -28.95
N ASP A 308 -8.34 -1.78 -30.01
CA ASP A 308 -9.20 -2.95 -29.87
C ASP A 308 -8.44 -4.21 -29.51
N LYS A 309 -7.12 -4.17 -29.35
CA LYS A 309 -6.29 -5.29 -28.95
C LYS A 309 -5.31 -4.84 -27.88
N MET A 310 -4.82 -5.80 -27.11
CA MET A 310 -3.92 -5.50 -25.99
C MET A 310 -2.65 -6.33 -26.11
N GLU A 311 -1.51 -5.69 -25.90
CA GLU A 311 -0.21 -6.34 -26.02
C GLU A 311 -0.07 -7.49 -25.03
N VAL A 312 0.19 -8.69 -25.54
CA VAL A 312 0.37 -9.89 -24.73
C VAL A 312 1.66 -10.58 -25.17
N ASP A 313 2.28 -11.31 -24.24
CA ASP A 313 3.46 -12.10 -24.52
C ASP A 313 3.10 -13.57 -24.53
N LYS A 314 3.45 -14.26 -25.61
CA LYS A 314 3.13 -15.69 -25.78
C LYS A 314 4.44 -16.45 -25.99
N ASN A 315 5.11 -16.79 -24.90
CA ASN A 315 6.32 -17.61 -24.90
C ASN A 315 7.40 -16.99 -25.78
N GLY A 316 7.78 -15.76 -25.44
CA GLY A 316 8.84 -15.06 -26.15
C GLY A 316 8.34 -14.11 -27.20
N LEU A 317 7.40 -14.55 -28.04
CA LEU A 317 6.86 -13.72 -29.11
C LEU A 317 5.76 -12.82 -28.57
N LYS A 318 5.87 -11.52 -28.84
CA LYS A 318 4.95 -10.53 -28.30
C LYS A 318 3.98 -10.10 -29.40
N MET A 319 2.74 -10.54 -29.30
CA MET A 319 1.71 -10.07 -30.21
C MET A 319 0.44 -9.77 -29.40
N CYS A 320 -0.39 -8.82 -29.85
CA CYS A 320 -1.62 -8.50 -29.11
C CYS A 320 -2.90 -8.90 -29.84
N GLU A 321 -3.69 -9.76 -29.19
CA GLU A 321 -4.94 -10.30 -29.71
C GLU A 321 -6.17 -9.41 -29.57
N PRO A 322 -7.26 -9.79 -30.25
CA PRO A 322 -8.38 -8.87 -29.97
C PRO A 322 -8.98 -9.14 -28.59
N CYS A 323 -9.34 -8.05 -27.91
CA CYS A 323 -9.89 -8.15 -26.57
C CYS A 323 -11.26 -8.83 -26.60
N GLY A 324 -11.53 -9.65 -25.59
CA GLY A 324 -12.78 -10.38 -25.51
C GLY A 324 -13.98 -9.50 -25.18
N GLY A 325 -14.21 -8.48 -26.01
CA GLY A 325 -15.26 -7.52 -25.77
C GLY A 325 -14.75 -6.09 -25.77
N LEU A 326 -13.87 -5.77 -24.82
CA LEU A 326 -13.25 -4.46 -24.74
C LEU A 326 -11.92 -4.58 -24.02
N CYS A 327 -11.07 -3.58 -24.20
CA CYS A 327 -9.69 -3.68 -23.75
C CYS A 327 -9.48 -2.98 -22.41
N PRO A 328 -8.46 -3.37 -21.66
CA PRO A 328 -8.24 -2.78 -20.33
C PRO A 328 -7.78 -1.34 -20.42
N LYS A 329 -7.94 -0.65 -19.28
CA LYS A 329 -7.50 0.73 -19.12
C LYS A 329 -7.45 1.09 -17.64
N ALA A 330 -6.36 1.70 -17.18
CA ALA A 330 -6.22 2.10 -15.79
C ALA A 330 -6.61 3.56 -15.62
N CYS A 331 -7.29 3.86 -14.52
CA CYS A 331 -7.77 5.20 -14.23
C CYS A 331 -7.42 5.58 -12.80
N GLU A 332 -7.55 6.87 -12.49
CA GLU A 332 -7.20 7.36 -11.18
C GLU A 332 -8.19 6.89 -10.12
N GLY A 333 -7.73 6.82 -8.88
CA GLY A 333 -8.56 6.42 -7.76
C GLY A 333 -9.29 7.58 -7.13
N THR A 334 -9.61 7.44 -5.85
CA THR A 334 -10.32 8.47 -5.11
C THR A 334 -9.97 8.35 -3.63
N GLY A 335 -9.73 9.49 -2.99
CA GLY A 335 -9.43 9.53 -1.57
C GLY A 335 -8.07 10.15 -1.29
N SER A 336 -7.46 9.72 -0.19
CA SER A 336 -6.12 10.18 0.17
C SER A 336 -5.13 9.66 -0.86
N GLY A 337 -4.44 10.57 -1.54
CA GLY A 337 -3.57 10.24 -2.64
C GLY A 337 -4.13 10.57 -4.00
N SER A 338 -5.43 10.83 -4.09
CA SER A 338 -6.07 11.25 -5.32
C SER A 338 -6.33 12.75 -5.28
N ARG A 339 -7.08 13.24 -6.27
CA ARG A 339 -7.42 14.65 -6.34
C ARG A 339 -8.75 14.96 -5.67
N PHE A 340 -9.57 13.96 -5.37
CA PHE A 340 -10.95 14.18 -4.95
C PHE A 340 -11.21 13.53 -3.61
N GLN A 341 -11.87 14.27 -2.71
CA GLN A 341 -12.31 13.70 -1.44
C GLN A 341 -13.32 12.58 -1.67
N THR A 342 -14.16 12.72 -2.68
CA THR A 342 -15.20 11.74 -2.97
C THR A 342 -15.38 11.64 -4.48
N VAL A 343 -16.23 10.70 -4.88
CA VAL A 343 -16.67 10.58 -6.27
C VAL A 343 -17.89 11.47 -6.44
N ASP A 344 -17.77 12.48 -7.30
CA ASP A 344 -18.86 13.42 -7.54
C ASP A 344 -19.19 13.53 -9.01
N SER A 345 -20.07 14.47 -9.37
CA SER A 345 -20.47 14.64 -10.76
C SER A 345 -19.38 15.30 -11.60
N SER A 346 -18.26 15.68 -11.01
CA SER A 346 -17.16 16.32 -11.75
C SER A 346 -16.00 15.37 -12.01
N ASN A 347 -16.11 14.10 -11.63
CA ASN A 347 -15.07 13.12 -11.92
C ASN A 347 -15.62 11.80 -12.43
N ILE A 348 -16.93 11.66 -12.53
CA ILE A 348 -17.52 10.36 -12.86
C ILE A 348 -17.33 10.01 -14.34
N ASP A 349 -17.25 11.01 -15.22
CA ASP A 349 -17.10 10.72 -16.64
C ASP A 349 -15.72 10.14 -16.95
N GLY A 350 -14.72 10.42 -16.12
CA GLY A 350 -13.39 9.91 -16.36
C GLY A 350 -13.16 8.47 -15.98
N PHE A 351 -14.15 7.83 -15.36
CA PHE A 351 -14.06 6.43 -14.97
C PHE A 351 -14.63 5.50 -16.01
N VAL A 352 -15.15 6.03 -17.12
CA VAL A 352 -15.78 5.19 -18.13
C VAL A 352 -14.73 4.30 -18.79
N ASN A 353 -15.16 3.09 -19.17
CA ASN A 353 -14.35 2.10 -19.87
C ASN A 353 -13.08 1.72 -19.11
N CYS A 354 -13.02 2.02 -17.81
CA CYS A 354 -11.86 1.69 -17.01
C CYS A 354 -11.97 0.25 -16.49
N THR A 355 -10.84 -0.42 -16.39
CA THR A 355 -10.78 -1.83 -16.01
C THR A 355 -10.08 -2.07 -14.69
N LYS A 356 -9.08 -1.27 -14.35
CA LYS A 356 -8.26 -1.48 -13.16
C LYS A 356 -8.03 -0.12 -12.51
N ILE A 357 -8.59 0.06 -11.31
CA ILE A 357 -8.51 1.34 -10.61
C ILE A 357 -7.25 1.35 -9.77
N LEU A 358 -6.25 2.11 -10.20
CA LEU A 358 -5.01 2.28 -9.46
C LEU A 358 -5.31 3.23 -8.30
N GLY A 359 -5.87 2.67 -7.24
CA GLY A 359 -6.27 3.47 -6.12
C GLY A 359 -7.55 2.98 -5.49
N ASN A 360 -8.53 3.86 -5.38
CA ASN A 360 -9.61 3.65 -4.43
C ASN A 360 -10.85 4.40 -4.88
N LEU A 361 -11.97 4.12 -4.21
CA LEU A 361 -13.26 4.73 -4.52
C LEU A 361 -13.96 5.14 -3.24
N ASP A 362 -14.30 6.43 -3.15
CA ASP A 362 -15.05 6.98 -2.03
C ASP A 362 -16.41 7.46 -2.51
N PHE A 363 -17.47 7.06 -1.82
CA PHE A 363 -18.83 7.46 -2.17
C PHE A 363 -19.44 8.17 -0.97
N LEU A 364 -19.09 9.44 -0.81
CA LEU A 364 -19.60 10.24 0.28
C LEU A 364 -20.91 10.93 -0.12
N ILE A 365 -21.60 11.47 0.88
CA ILE A 365 -22.89 12.10 0.63
C ILE A 365 -22.72 13.39 -0.17
N THR A 366 -21.65 14.12 0.08
CA THR A 366 -21.45 15.42 -0.57
C THR A 366 -21.27 15.25 -2.08
N GLY A 367 -20.58 14.20 -2.50
CA GLY A 367 -20.41 13.98 -3.94
C GLY A 367 -21.71 13.59 -4.62
N LEU A 368 -22.52 12.77 -3.95
CA LEU A 368 -23.78 12.33 -4.53
C LEU A 368 -24.85 13.41 -4.41
N ASN A 369 -25.12 13.85 -3.19
CA ASN A 369 -26.15 14.87 -2.94
C ASN A 369 -25.74 16.25 -3.41
N GLY A 370 -24.53 16.42 -3.95
CA GLY A 370 -24.04 17.72 -4.33
C GLY A 370 -23.63 18.53 -3.11
N ASP A 371 -23.09 19.72 -3.38
CA ASP A 371 -22.65 20.63 -2.33
C ASP A 371 -23.20 22.02 -2.65
N PRO A 372 -24.34 22.40 -2.06
CA PRO A 372 -24.93 23.71 -2.39
C PRO A 372 -24.12 24.90 -1.89
N TRP A 373 -23.16 24.69 -0.98
CA TRP A 373 -22.33 25.80 -0.53
C TRP A 373 -21.26 26.14 -1.55
N HIS A 374 -20.58 25.13 -2.09
CA HIS A 374 -19.61 25.30 -3.16
C HIS A 374 -20.24 24.68 -4.41
N LYS A 375 -20.79 25.53 -5.27
CA LYS A 375 -21.65 25.14 -6.39
C LYS A 375 -21.18 23.90 -7.14
N ILE A 376 -21.91 22.81 -6.95
CA ILE A 376 -21.62 21.52 -7.60
C ILE A 376 -22.94 20.91 -8.05
N PRO A 377 -23.03 20.35 -9.25
CA PRO A 377 -24.23 19.61 -9.63
C PRO A 377 -24.28 18.25 -8.96
N ALA A 378 -25.46 17.87 -8.49
CA ALA A 378 -25.63 16.56 -7.89
C ALA A 378 -25.46 15.49 -8.94
N LEU A 379 -24.83 14.38 -8.55
CA LEU A 379 -24.56 13.30 -9.49
C LEU A 379 -25.86 12.60 -9.89
N ASP A 380 -25.99 12.34 -11.20
CA ASP A 380 -27.15 11.62 -11.71
C ASP A 380 -27.00 10.13 -11.40
N PRO A 381 -27.96 9.51 -10.71
CA PRO A 381 -27.74 8.12 -10.26
C PRO A 381 -27.60 7.12 -11.40
N GLU A 382 -28.34 7.31 -12.50
CA GLU A 382 -28.26 6.37 -13.61
C GLU A 382 -26.89 6.34 -14.27
N LYS A 383 -26.03 7.32 -13.99
CA LYS A 383 -24.66 7.30 -14.49
C LYS A 383 -23.75 6.37 -13.69
N LEU A 384 -24.25 5.78 -12.59
CA LEU A 384 -23.42 4.88 -11.80
C LEU A 384 -23.04 3.61 -12.55
N ASN A 385 -23.74 3.30 -13.65
CA ASN A 385 -23.53 2.06 -14.39
C ASN A 385 -22.18 2.03 -15.07
N VAL A 386 -21.43 3.14 -14.98
CA VAL A 386 -20.08 3.16 -15.53
C VAL A 386 -19.09 2.34 -14.72
N PHE A 387 -19.50 1.87 -13.55
CA PHE A 387 -18.65 1.03 -12.71
C PHE A 387 -18.80 -0.46 -13.01
N ARG A 388 -19.72 -0.83 -13.90
CA ARG A 388 -19.88 -2.24 -14.27
C ARG A 388 -18.69 -2.77 -15.05
N THR A 389 -17.78 -1.90 -15.49
CA THR A 389 -16.57 -2.31 -16.20
C THR A 389 -15.39 -2.53 -15.28
N VAL A 390 -15.50 -2.17 -14.00
CA VAL A 390 -14.38 -2.27 -13.08
C VAL A 390 -14.17 -3.72 -12.70
N ARG A 391 -12.91 -4.17 -12.73
CA ARG A 391 -12.57 -5.53 -12.36
C ARG A 391 -11.70 -5.63 -11.13
N GLU A 392 -10.74 -4.72 -10.95
CA GLU A 392 -9.83 -4.77 -9.82
C GLU A 392 -9.72 -3.40 -9.18
N ILE A 393 -9.67 -3.38 -7.86
CA ILE A 393 -9.40 -2.19 -7.08
C ILE A 393 -8.08 -2.42 -6.34
N THR A 394 -7.09 -1.57 -6.61
CA THR A 394 -5.78 -1.77 -6.02
C THR A 394 -5.84 -1.69 -4.50
N GLY A 395 -6.47 -0.66 -3.97
CA GLY A 395 -6.55 -0.49 -2.54
C GLY A 395 -7.88 -0.94 -1.97
N TYR A 396 -8.75 0.00 -1.66
CA TYR A 396 -9.93 -0.25 -0.84
C TYR A 396 -11.19 0.19 -1.56
N LEU A 397 -12.32 -0.04 -0.87
CA LEU A 397 -13.63 0.41 -1.34
C LEU A 397 -14.38 0.97 -0.15
N ASN A 398 -14.75 2.26 -0.23
CA ASN A 398 -15.49 2.93 0.83
C ASN A 398 -16.83 3.39 0.29
N ILE A 399 -17.91 2.89 0.91
CA ILE A 399 -19.26 3.28 0.53
C ILE A 399 -19.99 3.68 1.81
N GLN A 400 -20.37 4.95 1.91
CA GLN A 400 -21.09 5.46 3.07
C GLN A 400 -22.46 6.01 2.70
N SER A 401 -22.81 6.05 1.42
CA SER A 401 -24.11 6.51 0.98
C SER A 401 -24.36 5.96 -0.42
N TRP A 402 -25.60 5.54 -0.68
CA TRP A 402 -25.97 4.95 -1.95
C TRP A 402 -27.41 5.35 -2.27
N PRO A 403 -27.76 5.51 -3.54
CA PRO A 403 -29.12 5.93 -3.90
C PRO A 403 -30.16 4.98 -3.33
N PRO A 404 -31.27 5.52 -2.81
CA PRO A 404 -32.29 4.66 -2.18
C PRO A 404 -33.01 3.76 -3.17
N HIS A 405 -33.17 4.18 -4.43
CA HIS A 405 -33.87 3.34 -5.39
C HIS A 405 -33.05 2.13 -5.81
N MET A 406 -31.73 2.18 -5.63
CA MET A 406 -30.86 1.04 -5.91
C MET A 406 -30.67 0.26 -4.61
N HIS A 407 -31.33 -0.89 -4.51
CA HIS A 407 -31.20 -1.74 -3.33
C HIS A 407 -30.02 -2.70 -3.42
N ASN A 408 -29.44 -2.87 -4.61
CA ASN A 408 -28.32 -3.76 -4.80
C ASN A 408 -27.19 -3.04 -5.53
N PHE A 409 -25.96 -3.35 -5.15
CA PHE A 409 -24.77 -2.83 -5.81
C PHE A 409 -24.43 -3.58 -7.09
N SER A 410 -25.44 -3.90 -7.91
CA SER A 410 -25.22 -4.69 -9.11
C SER A 410 -24.34 -3.99 -10.12
N VAL A 411 -24.01 -2.72 -9.89
CA VAL A 411 -23.15 -1.96 -10.80
C VAL A 411 -21.70 -2.36 -10.58
N PHE A 412 -21.47 -3.21 -9.58
CA PHE A 412 -20.16 -3.79 -9.32
C PHE A 412 -20.15 -5.29 -9.55
N SER A 413 -20.86 -5.73 -10.59
CA SER A 413 -20.97 -7.17 -10.86
C SER A 413 -19.63 -7.74 -11.29
N ASN A 414 -19.01 -7.15 -12.31
CA ASN A 414 -17.75 -7.65 -12.85
C ASN A 414 -16.55 -7.33 -11.98
N LEU A 415 -16.76 -6.83 -10.76
CA LEU A 415 -15.66 -6.60 -9.84
C LEU A 415 -15.26 -7.90 -9.16
N THR A 416 -13.96 -8.20 -9.15
CA THR A 416 -13.51 -9.48 -8.64
C THR A 416 -12.42 -9.38 -7.59
N THR A 417 -11.54 -8.38 -7.70
CA THR A 417 -10.36 -8.31 -6.85
C THR A 417 -10.29 -6.96 -6.14
N ILE A 418 -10.04 -7.02 -4.83
CA ILE A 418 -9.76 -5.84 -4.03
C ILE A 418 -8.43 -6.11 -3.33
N GLY A 419 -7.38 -5.41 -3.76
CA GLY A 419 -6.04 -5.74 -3.30
C GLY A 419 -5.79 -5.34 -1.86
N GLY A 420 -6.26 -4.17 -1.45
CA GLY A 420 -6.00 -3.69 -0.11
C GLY A 420 -4.59 -3.17 0.13
N ARG A 421 -3.88 -2.80 -0.94
CA ARG A 421 -2.56 -2.18 -0.78
C ARG A 421 -2.64 -0.84 -0.06
N SER A 422 -3.80 -0.19 -0.08
CA SER A 422 -4.07 1.01 0.69
C SER A 422 -5.44 0.88 1.33
N LEU A 423 -5.59 1.45 2.52
CA LEU A 423 -6.80 1.29 3.32
C LEU A 423 -7.47 2.63 3.55
N TYR A 424 -8.81 2.65 3.46
CA TYR A 424 -9.55 3.92 3.49
C TYR A 424 -9.43 4.59 4.84
N ASN A 425 -9.69 3.82 5.88
CA ASN A 425 -9.81 4.37 7.21
C ASN A 425 -8.95 3.53 8.12
N ARG A 426 -9.46 3.21 9.30
CA ARG A 426 -8.91 2.13 10.09
C ARG A 426 -8.78 0.88 9.24
N GLY A 427 -7.71 0.14 9.46
CA GLY A 427 -7.34 -1.03 8.67
C GLY A 427 -8.40 -1.79 7.89
N PHE A 428 -9.24 -1.08 7.14
CA PHE A 428 -10.34 -1.69 6.37
C PHE A 428 -10.05 -1.51 4.88
N SER A 429 -10.05 -2.61 4.14
CA SER A 429 -10.03 -2.58 2.69
C SER A 429 -11.42 -2.53 2.09
N LEU A 430 -12.46 -2.65 2.92
CA LEU A 430 -13.85 -2.61 2.47
C LEU A 430 -14.71 -2.05 3.58
N LEU A 431 -15.42 -0.96 3.29
CA LEU A 431 -16.21 -0.25 4.27
C LEU A 431 -17.58 0.04 3.69
N ILE A 432 -18.63 -0.46 4.35
CA ILE A 432 -20.02 -0.22 3.96
C ILE A 432 -20.77 0.05 5.26
N MET A 433 -21.09 1.32 5.50
CA MET A 433 -21.74 1.72 6.75
C MET A 433 -22.90 2.65 6.44
N LYS A 434 -23.79 2.78 7.44
CA LYS A 434 -24.97 3.64 7.43
C LYS A 434 -25.72 3.67 6.10
N ASN A 435 -25.72 2.55 5.37
CA ASN A 435 -26.54 2.40 4.17
C ASN A 435 -27.84 1.75 4.59
N LEU A 436 -28.90 2.54 4.66
CA LEU A 436 -30.12 2.11 5.33
C LEU A 436 -31.15 1.51 4.39
N ASN A 437 -31.20 1.97 3.13
CA ASN A 437 -32.18 1.46 2.18
C ASN A 437 -31.50 0.56 1.15
N VAL A 438 -30.73 -0.42 1.62
CA VAL A 438 -30.02 -1.37 0.76
C VAL A 438 -30.39 -2.78 1.21
N THR A 439 -30.71 -3.65 0.24
CA THR A 439 -31.16 -5.01 0.53
C THR A 439 -30.02 -6.01 0.49
N SER A 440 -29.36 -6.14 -0.66
CA SER A 440 -28.32 -7.14 -0.86
C SER A 440 -27.06 -6.47 -1.42
N LEU A 441 -25.97 -7.23 -1.38
CA LEU A 441 -24.69 -6.72 -1.86
C LEU A 441 -24.65 -6.73 -3.39
N GLY A 442 -24.58 -7.90 -3.99
CA GLY A 442 -24.58 -8.03 -5.43
C GLY A 442 -23.23 -8.18 -6.09
N PHE A 443 -22.16 -8.35 -5.31
CA PHE A 443 -20.81 -8.54 -5.87
C PHE A 443 -20.67 -10.00 -6.28
N ARG A 444 -21.35 -10.34 -7.38
CA ARG A 444 -21.52 -11.73 -7.76
C ARG A 444 -20.26 -12.35 -8.34
N SER A 445 -19.25 -11.55 -8.66
CA SER A 445 -17.98 -12.08 -9.15
C SER A 445 -16.82 -11.72 -8.24
N LEU A 446 -17.10 -11.15 -7.06
CA LEU A 446 -16.04 -10.81 -6.11
C LEU A 446 -15.53 -12.07 -5.46
N LYS A 447 -14.23 -12.32 -5.59
CA LYS A 447 -13.63 -13.57 -5.11
C LYS A 447 -12.43 -13.39 -4.19
N GLU A 448 -11.71 -12.27 -4.26
CA GLU A 448 -10.48 -12.11 -3.49
C GLU A 448 -10.40 -10.71 -2.91
N ILE A 449 -10.25 -10.64 -1.59
CA ILE A 449 -9.79 -9.44 -0.90
C ILE A 449 -8.42 -9.80 -0.35
N SER A 450 -7.37 -9.28 -1.00
CA SER A 450 -6.02 -9.77 -0.76
C SER A 450 -5.57 -9.49 0.66
N ALA A 451 -5.76 -8.25 1.13
CA ALA A 451 -5.33 -7.87 2.47
C ALA A 451 -6.28 -6.85 3.04
N GLY A 452 -6.09 -6.56 4.33
CA GLY A 452 -6.92 -5.60 5.03
C GLY A 452 -7.98 -6.28 5.88
N ARG A 453 -8.95 -5.46 6.28
CA ARG A 453 -10.10 -5.92 7.04
C ARG A 453 -11.37 -5.39 6.39
N ILE A 454 -12.53 -5.78 6.95
CA ILE A 454 -13.82 -5.53 6.35
C ILE A 454 -14.76 -4.94 7.38
N TYR A 455 -15.47 -3.86 7.02
CA TYR A 455 -16.41 -3.18 7.88
C TYR A 455 -17.77 -3.15 7.19
N ILE A 456 -18.75 -3.85 7.77
CA ILE A 456 -20.12 -3.83 7.29
C ILE A 456 -21.05 -3.72 8.49
N SER A 457 -21.54 -2.52 8.79
CA SER A 457 -22.35 -2.32 9.96
C SER A 457 -23.37 -1.22 9.70
N ALA A 458 -24.34 -1.11 10.62
CA ALA A 458 -25.39 -0.10 10.61
C ALA A 458 -26.27 -0.18 9.37
N ASN A 459 -26.17 -1.25 8.58
CA ASN A 459 -27.02 -1.43 7.42
C ASN A 459 -28.25 -2.21 7.85
N ARG A 460 -29.17 -1.49 8.50
CA ARG A 460 -30.32 -2.10 9.17
C ARG A 460 -31.28 -2.83 8.24
N GLN A 461 -31.05 -2.80 6.92
CA GLN A 461 -31.90 -3.56 6.00
C GLN A 461 -31.11 -4.49 5.09
N LEU A 462 -29.85 -4.78 5.43
CA LEU A 462 -29.01 -5.64 4.63
C LEU A 462 -29.16 -7.09 5.08
N CYS A 463 -29.42 -7.99 4.11
CA CYS A 463 -29.45 -9.41 4.39
C CYS A 463 -28.49 -10.16 3.46
N TYR A 464 -28.61 -11.49 3.42
CA TYR A 464 -27.83 -12.38 2.56
C TYR A 464 -26.36 -12.45 2.95
N HIS A 465 -25.94 -11.61 3.89
CA HIS A 465 -24.55 -11.56 4.33
C HIS A 465 -24.27 -12.46 5.52
N HIS A 466 -25.30 -13.13 6.06
CA HIS A 466 -25.16 -13.80 7.35
C HIS A 466 -24.36 -15.08 7.25
N SER A 467 -24.55 -15.86 6.19
CA SER A 467 -23.96 -17.19 6.08
C SER A 467 -22.66 -17.20 5.30
N LEU A 468 -22.00 -16.06 5.17
CA LEU A 468 -20.83 -15.95 4.30
C LEU A 468 -19.58 -16.51 4.98
N ASN A 469 -18.87 -17.39 4.28
CA ASN A 469 -17.60 -17.95 4.70
C ASN A 469 -16.52 -16.93 4.37
N TRP A 470 -16.31 -15.97 5.29
CA TRP A 470 -15.37 -14.88 5.00
C TRP A 470 -13.93 -15.36 4.88
N THR A 471 -13.61 -16.55 5.39
CA THR A 471 -12.29 -17.11 5.18
C THR A 471 -12.03 -17.36 3.69
N LYS A 472 -13.10 -17.56 2.91
CA LYS A 472 -12.96 -17.90 1.50
C LYS A 472 -12.64 -16.69 0.64
N VAL A 473 -13.04 -15.50 1.06
CA VAL A 473 -12.78 -14.29 0.29
C VAL A 473 -11.52 -13.60 0.80
N LEU A 474 -11.56 -13.15 2.05
CA LEU A 474 -10.38 -12.56 2.66
C LEU A 474 -9.33 -13.62 2.92
N ARG A 475 -8.10 -13.36 2.48
CA ARG A 475 -7.02 -14.32 2.59
C ARG A 475 -6.24 -14.08 3.86
N GLY A 476 -5.99 -15.15 4.61
CA GLY A 476 -5.21 -15.08 5.82
C GLY A 476 -6.05 -15.24 7.07
N PRO A 477 -5.61 -14.63 8.15
CA PRO A 477 -6.32 -14.80 9.43
C PRO A 477 -7.69 -14.15 9.41
N THR A 478 -8.64 -14.81 10.08
CA THR A 478 -9.93 -14.22 10.41
C THR A 478 -10.01 -13.85 11.88
N GLU A 479 -8.90 -13.92 12.61
CA GLU A 479 -8.83 -13.51 14.01
C GLU A 479 -9.03 -12.01 14.10
N GLU A 480 -10.25 -11.60 14.45
CA GLU A 480 -10.57 -10.19 14.71
C GLU A 480 -10.28 -9.32 13.49
N ARG A 481 -10.78 -9.75 12.33
CA ARG A 481 -10.70 -8.96 11.11
C ARG A 481 -12.08 -8.72 10.49
N LEU A 482 -13.15 -9.02 11.22
CA LEU A 482 -14.51 -8.89 10.74
C LEU A 482 -15.28 -7.96 11.67
N ASP A 483 -15.93 -6.95 11.10
CA ASP A 483 -16.75 -6.02 11.86
C ASP A 483 -18.14 -6.01 11.23
N ILE A 484 -19.02 -6.89 11.70
CA ILE A 484 -20.38 -7.02 11.20
C ILE A 484 -21.33 -6.94 12.38
N LYS A 485 -22.07 -5.84 12.48
CA LYS A 485 -22.98 -5.63 13.60
C LYS A 485 -24.04 -4.61 13.18
N HIS A 486 -25.08 -4.50 14.01
CA HIS A 486 -26.13 -3.50 13.89
C HIS A 486 -26.83 -3.50 12.54
N ASN A 487 -26.66 -4.56 11.74
CA ASN A 487 -27.34 -4.65 10.45
C ASN A 487 -28.76 -5.17 10.64
N ARG A 488 -29.28 -5.86 9.65
CA ARG A 488 -30.57 -6.53 9.82
C ARG A 488 -30.35 -7.87 10.51
N PRO A 489 -31.07 -8.17 11.58
CA PRO A 489 -30.81 -9.40 12.33
C PRO A 489 -31.06 -10.64 11.50
N ARG A 490 -30.37 -11.73 11.87
CA ARG A 490 -30.63 -13.02 11.23
C ARG A 490 -32.08 -13.43 11.38
N ARG A 491 -32.64 -13.22 12.58
CA ARG A 491 -34.02 -13.60 12.88
C ARG A 491 -35.00 -13.00 11.88
N ASP A 492 -34.72 -11.81 11.37
CA ASP A 492 -35.64 -11.16 10.44
C ASP A 492 -35.41 -11.63 9.00
N CYS A 493 -34.14 -11.79 8.59
CA CYS A 493 -33.86 -12.18 7.22
C CYS A 493 -34.40 -13.57 6.89
N VAL A 494 -34.26 -14.52 7.83
CA VAL A 494 -34.73 -15.87 7.57
C VAL A 494 -36.25 -15.90 7.51
N ALA A 495 -36.93 -15.07 8.30
CA ALA A 495 -38.39 -15.09 8.32
C ALA A 495 -38.98 -14.53 7.03
N GLU A 496 -38.37 -13.48 6.48
CA GLU A 496 -38.86 -12.90 5.23
C GLU A 496 -38.45 -13.71 4.00
N GLY A 497 -37.59 -14.71 4.17
CA GLY A 497 -37.11 -15.47 3.03
C GLY A 497 -36.05 -14.75 2.26
N LYS A 498 -34.96 -14.41 2.94
CA LYS A 498 -33.85 -13.64 2.36
C LYS A 498 -32.52 -14.29 2.70
N VAL A 499 -32.48 -15.62 2.75
CA VAL A 499 -31.24 -16.33 3.05
C VAL A 499 -30.54 -16.71 1.75
N CYS A 500 -29.36 -17.29 1.86
CA CYS A 500 -28.63 -17.72 0.67
C CYS A 500 -29.39 -18.83 -0.04
N ASP A 501 -29.41 -18.77 -1.38
CA ASP A 501 -30.17 -19.73 -2.17
C ASP A 501 -29.62 -21.13 -1.96
N PRO A 502 -30.48 -22.15 -1.85
CA PRO A 502 -30.01 -23.52 -1.58
C PRO A 502 -29.18 -24.11 -2.70
N LEU A 503 -29.02 -23.38 -3.80
CA LEU A 503 -28.15 -23.83 -4.88
C LEU A 503 -26.68 -23.47 -4.64
N CYS A 504 -26.38 -22.71 -3.60
CA CYS A 504 -25.02 -22.32 -3.29
C CYS A 504 -24.37 -23.31 -2.34
N SER A 505 -23.04 -23.33 -2.35
CA SER A 505 -22.28 -24.28 -1.54
C SER A 505 -22.32 -23.87 -0.07
N SER A 506 -21.44 -24.49 0.72
CA SER A 506 -21.31 -24.14 2.13
C SER A 506 -20.59 -22.81 2.36
N GLY A 507 -20.08 -22.17 1.31
CA GLY A 507 -19.39 -20.90 1.48
C GLY A 507 -20.35 -19.75 1.73
N GLY A 508 -21.36 -19.61 0.89
CA GLY A 508 -22.35 -18.59 1.05
C GLY A 508 -22.67 -17.93 -0.27
N CYS A 509 -23.24 -16.73 -0.18
CA CYS A 509 -23.72 -16.02 -1.36
C CYS A 509 -23.70 -14.52 -1.08
N TRP A 510 -23.68 -13.74 -2.16
CA TRP A 510 -23.76 -12.29 -2.05
C TRP A 510 -25.18 -11.76 -2.14
N GLY A 511 -26.15 -12.61 -2.44
CA GLY A 511 -27.53 -12.21 -2.56
C GLY A 511 -28.43 -13.33 -3.00
N PRO A 512 -29.65 -13.00 -3.40
CA PRO A 512 -30.60 -14.02 -3.85
C PRO A 512 -30.38 -14.43 -5.29
N GLY A 513 -30.81 -15.63 -5.61
CA GLY A 513 -30.78 -16.12 -6.97
C GLY A 513 -29.58 -16.97 -7.27
N PRO A 514 -29.54 -17.54 -8.47
CA PRO A 514 -28.43 -18.46 -8.81
C PRO A 514 -27.12 -17.73 -9.06
N GLY A 515 -27.16 -16.58 -9.73
CA GLY A 515 -25.94 -15.91 -10.14
C GLY A 515 -25.23 -15.16 -9.04
N GLN A 516 -25.58 -15.43 -7.78
CA GLN A 516 -25.01 -14.72 -6.64
C GLN A 516 -24.24 -15.64 -5.70
N CYS A 517 -24.04 -16.89 -6.06
CA CYS A 517 -23.33 -17.83 -5.20
C CYS A 517 -21.83 -17.64 -5.30
N LEU A 518 -21.14 -17.87 -4.19
CA LEU A 518 -19.69 -18.00 -4.24
C LEU A 518 -19.29 -19.25 -5.01
N SER A 519 -19.75 -20.41 -4.55
CA SER A 519 -19.58 -21.67 -5.27
C SER A 519 -20.92 -22.40 -5.28
N CYS A 520 -21.13 -23.18 -6.34
CA CYS A 520 -22.38 -23.91 -6.50
C CYS A 520 -22.28 -25.28 -5.82
N ARG A 521 -23.43 -25.95 -5.74
CA ARG A 521 -23.46 -27.32 -5.24
C ARG A 521 -23.28 -28.34 -6.35
N ASN A 522 -23.50 -27.96 -7.59
CA ASN A 522 -23.29 -28.86 -8.72
C ASN A 522 -22.60 -28.14 -9.87
N TYR A 523 -23.37 -27.49 -10.74
CA TYR A 523 -22.86 -26.92 -11.97
C TYR A 523 -23.04 -25.40 -11.99
N SER A 524 -22.49 -24.79 -13.04
CA SER A 524 -22.53 -23.34 -13.21
C SER A 524 -22.31 -23.00 -14.68
N ARG A 525 -22.73 -21.80 -15.06
CA ARG A 525 -22.55 -21.32 -16.43
C ARG A 525 -22.59 -19.80 -16.43
N GLY A 526 -21.54 -19.18 -16.97
CA GLY A 526 -21.47 -17.73 -17.04
C GLY A 526 -21.49 -17.05 -15.69
N GLY A 527 -20.74 -17.59 -14.72
CA GLY A 527 -20.76 -17.03 -13.38
C GLY A 527 -22.08 -17.18 -12.68
N VAL A 528 -22.94 -18.07 -13.16
CA VAL A 528 -24.28 -18.28 -12.60
C VAL A 528 -24.48 -19.77 -12.39
N CYS A 529 -24.89 -20.15 -11.19
CA CYS A 529 -25.10 -21.55 -10.87
C CYS A 529 -26.35 -22.09 -11.57
N VAL A 530 -26.31 -23.40 -11.88
CA VAL A 530 -27.41 -24.10 -12.53
C VAL A 530 -27.49 -25.50 -11.94
N THR A 531 -28.51 -26.25 -12.38
CA THR A 531 -28.67 -27.65 -11.98
C THR A 531 -28.10 -28.62 -13.00
N HIS A 532 -27.85 -28.16 -14.22
CA HIS A 532 -27.42 -29.05 -15.30
C HIS A 532 -26.85 -28.21 -16.43
N CYS A 533 -25.91 -28.81 -17.17
CA CYS A 533 -25.56 -28.27 -18.46
C CYS A 533 -26.48 -28.87 -19.52
N ASN A 534 -26.44 -28.30 -20.72
CA ASN A 534 -27.27 -28.79 -21.82
C ASN A 534 -26.54 -29.94 -22.52
N PHE A 535 -26.49 -31.06 -21.81
CA PHE A 535 -25.82 -32.26 -22.30
C PHE A 535 -26.64 -32.96 -23.37
N LEU A 536 -27.79 -33.51 -22.98
CA LEU A 536 -28.59 -34.31 -23.89
C LEU A 536 -29.61 -33.50 -24.67
N ASN A 537 -29.87 -32.25 -24.27
CA ASN A 537 -30.72 -31.34 -25.02
C ASN A 537 -30.48 -29.94 -24.49
N GLY A 538 -31.10 -28.96 -25.15
CA GLY A 538 -30.98 -27.59 -24.73
C GLY A 538 -30.72 -26.66 -25.88
N GLU A 539 -30.79 -25.34 -25.63
CA GLU A 539 -30.52 -24.38 -26.70
C GLU A 539 -29.09 -24.49 -27.21
N PRO A 540 -28.05 -24.49 -26.35
CA PRO A 540 -26.72 -24.85 -26.84
C PRO A 540 -26.23 -26.18 -26.27
N ARG A 541 -25.88 -27.14 -27.11
CA ARG A 541 -25.31 -28.39 -26.61
C ARG A 541 -23.97 -28.09 -25.94
N GLU A 542 -23.82 -28.55 -24.70
CA GLU A 542 -22.69 -28.17 -23.87
C GLU A 542 -22.02 -29.39 -23.24
N PHE A 543 -20.82 -29.17 -22.72
CA PHE A 543 -20.06 -30.15 -21.97
C PHE A 543 -19.61 -29.51 -20.65
N ALA A 544 -18.94 -30.30 -19.81
CA ALA A 544 -18.53 -29.85 -18.49
C ALA A 544 -17.03 -30.05 -18.30
N HIS A 545 -16.40 -29.12 -17.59
CA HIS A 545 -14.98 -29.20 -17.29
C HIS A 545 -14.77 -28.63 -15.89
N GLU A 546 -14.58 -29.50 -14.91
CA GLU A 546 -14.46 -29.12 -13.51
C GLU A 546 -15.63 -28.24 -13.07
N ALA A 547 -16.84 -28.74 -13.34
CA ALA A 547 -18.09 -28.17 -12.85
C ALA A 547 -18.40 -26.80 -13.44
N GLU A 548 -18.03 -26.57 -14.69
CA GLU A 548 -18.42 -25.36 -15.40
C GLU A 548 -18.80 -25.71 -16.83
N CYS A 549 -19.98 -25.28 -17.25
CA CYS A 549 -20.50 -25.63 -18.56
C CYS A 549 -19.88 -24.72 -19.63
N PHE A 550 -19.44 -25.33 -20.73
CA PHE A 550 -18.96 -24.62 -21.90
C PHE A 550 -19.70 -25.14 -23.12
N SER A 551 -19.92 -24.25 -24.09
CA SER A 551 -20.62 -24.64 -25.30
C SER A 551 -19.75 -25.56 -26.16
N CYS A 552 -20.38 -26.60 -26.71
CA CYS A 552 -19.67 -27.50 -27.61
C CYS A 552 -19.26 -26.77 -28.89
N HIS A 553 -18.34 -27.38 -29.63
CA HIS A 553 -17.95 -26.84 -30.91
C HIS A 553 -19.15 -26.81 -31.86
N PRO A 554 -19.34 -25.73 -32.62
CA PRO A 554 -20.56 -25.63 -33.44
C PRO A 554 -20.68 -26.71 -34.51
N GLU A 555 -19.59 -27.38 -34.87
CA GLU A 555 -19.64 -28.41 -35.92
C GLU A 555 -20.09 -29.77 -35.40
N CYS A 556 -20.25 -29.94 -34.09
CA CYS A 556 -20.79 -31.19 -33.58
C CYS A 556 -22.25 -31.33 -33.97
N GLN A 557 -22.65 -32.55 -34.32
CA GLN A 557 -24.05 -32.82 -34.61
C GLN A 557 -24.84 -32.97 -33.31
N PRO A 558 -25.92 -32.23 -33.13
CA PRO A 558 -26.72 -32.37 -31.90
C PRO A 558 -27.29 -33.77 -31.77
N MET A 559 -26.84 -34.49 -30.73
CA MET A 559 -27.25 -35.86 -30.49
C MET A 559 -28.43 -35.89 -29.52
N GLU A 560 -29.37 -36.79 -29.78
CA GLU A 560 -30.60 -36.89 -29.01
C GLU A 560 -30.51 -38.08 -28.07
N GLY A 561 -30.55 -37.80 -26.76
CA GLY A 561 -30.52 -38.84 -25.75
C GLY A 561 -29.14 -39.26 -25.29
N THR A 562 -28.08 -38.85 -25.99
CA THR A 562 -26.72 -39.20 -25.62
C THR A 562 -25.84 -37.95 -25.69
N ALA A 563 -24.65 -38.07 -25.09
CA ALA A 563 -23.73 -36.94 -25.03
C ALA A 563 -23.30 -36.51 -26.42
N THR A 564 -23.14 -35.19 -26.61
CA THR A 564 -22.82 -34.63 -27.91
C THR A 564 -21.32 -34.44 -28.10
N CYS A 565 -20.64 -33.84 -27.12
CA CYS A 565 -19.21 -33.58 -27.22
C CYS A 565 -18.55 -33.81 -25.87
N ASN A 566 -17.24 -34.07 -25.92
CA ASN A 566 -16.41 -34.26 -24.74
C ASN A 566 -15.68 -33.00 -24.30
N GLY A 567 -15.20 -32.20 -25.25
CA GLY A 567 -14.50 -30.98 -24.94
C GLY A 567 -14.88 -29.83 -25.87
N SER A 568 -14.01 -28.82 -25.95
CA SER A 568 -14.31 -27.66 -26.79
C SER A 568 -13.90 -27.86 -28.24
N GLY A 569 -12.87 -28.67 -28.50
CA GLY A 569 -12.40 -28.86 -29.86
C GLY A 569 -13.36 -29.70 -30.68
N SER A 570 -13.14 -29.66 -32.00
CA SER A 570 -13.95 -30.43 -32.94
C SER A 570 -13.55 -31.89 -33.02
N ASP A 571 -12.48 -32.29 -32.34
CA ASP A 571 -12.07 -33.69 -32.27
C ASP A 571 -12.78 -34.43 -31.15
N THR A 572 -13.71 -33.79 -30.45
CA THR A 572 -14.42 -34.41 -29.34
C THR A 572 -15.90 -34.63 -29.64
N CYS A 573 -16.37 -34.29 -30.83
CA CYS A 573 -17.75 -34.61 -31.20
C CYS A 573 -17.92 -36.11 -31.34
N ALA A 574 -19.09 -36.60 -30.95
CA ALA A 574 -19.40 -38.01 -31.20
C ALA A 574 -19.72 -38.26 -32.66
N GLN A 575 -20.26 -37.25 -33.35
CA GLN A 575 -20.60 -37.37 -34.76
C GLN A 575 -20.66 -35.97 -35.35
N CYS A 576 -20.17 -35.82 -36.59
CA CYS A 576 -20.06 -34.51 -37.21
C CYS A 576 -21.39 -34.11 -37.84
N ALA A 577 -21.67 -32.80 -37.80
CA ALA A 577 -22.93 -32.29 -38.33
C ALA A 577 -22.92 -32.18 -39.85
N HIS A 578 -21.76 -31.86 -40.44
CA HIS A 578 -21.67 -31.65 -41.88
C HIS A 578 -20.64 -32.58 -42.51
N PHE A 579 -19.35 -32.33 -42.32
CA PHE A 579 -18.31 -33.11 -42.97
C PHE A 579 -17.22 -33.47 -41.98
N ARG A 580 -16.53 -34.58 -42.25
CA ARG A 580 -15.44 -35.06 -41.41
C ARG A 580 -14.13 -34.90 -42.18
N ASP A 581 -13.24 -34.05 -41.66
CA ASP A 581 -11.88 -33.94 -42.18
C ASP A 581 -10.99 -34.73 -41.24
N GLY A 582 -10.87 -36.03 -41.50
CA GLY A 582 -10.20 -36.92 -40.60
C GLY A 582 -10.99 -37.11 -39.31
N PRO A 583 -10.35 -36.84 -38.16
CA PRO A 583 -11.08 -36.88 -36.90
C PRO A 583 -11.80 -35.59 -36.56
N HIS A 584 -11.61 -34.53 -37.35
CA HIS A 584 -12.20 -33.22 -37.07
C HIS A 584 -13.46 -33.03 -37.90
N CYS A 585 -14.38 -32.25 -37.35
CA CYS A 585 -15.59 -31.84 -38.05
C CYS A 585 -15.38 -30.44 -38.64
N VAL A 586 -15.67 -30.30 -39.92
CA VAL A 586 -15.44 -29.04 -40.64
C VAL A 586 -16.73 -28.61 -41.33
N SER A 587 -16.81 -27.30 -41.60
CA SER A 587 -17.97 -26.75 -42.30
C SER A 587 -17.91 -27.07 -43.79
N SER A 588 -16.74 -26.88 -44.40
CA SER A 588 -16.52 -27.22 -45.80
C SER A 588 -15.14 -27.84 -45.93
N CYS A 589 -15.00 -28.74 -46.92
CA CYS A 589 -13.75 -29.45 -47.12
C CYS A 589 -12.64 -28.48 -47.51
N PRO A 590 -11.37 -28.86 -47.27
CA PRO A 590 -10.26 -28.03 -47.73
C PRO A 590 -10.30 -27.82 -49.23
N HIS A 591 -10.24 -26.55 -49.64
CA HIS A 591 -10.37 -26.17 -51.05
C HIS A 591 -9.45 -24.96 -51.30
N GLY A 592 -8.15 -25.21 -51.29
CA GLY A 592 -7.16 -24.17 -51.49
C GLY A 592 -6.31 -23.84 -50.28
N VAL A 593 -6.40 -24.63 -49.20
CA VAL A 593 -5.59 -24.37 -48.02
C VAL A 593 -4.11 -24.56 -48.35
N LEU A 594 -3.27 -23.77 -47.67
CA LEU A 594 -1.84 -23.74 -47.96
C LEU A 594 -1.11 -24.80 -47.14
N GLY A 595 -0.47 -25.73 -47.83
CA GLY A 595 0.32 -26.76 -47.19
C GLY A 595 1.82 -26.48 -47.27
N ALA A 596 2.59 -27.40 -46.70
CA ALA A 596 4.04 -27.25 -46.70
C ALA A 596 4.63 -27.54 -48.08
N LYS A 597 4.07 -28.51 -48.80
CA LYS A 597 4.54 -28.85 -50.13
C LYS A 597 3.76 -28.11 -51.22
N GLY A 598 2.60 -27.54 -50.90
CA GLY A 598 1.80 -26.83 -51.86
C GLY A 598 0.34 -26.77 -51.43
N PRO A 599 -0.49 -26.10 -52.23
CA PRO A 599 -1.91 -26.02 -51.90
C PRO A 599 -2.56 -27.40 -51.99
N ILE A 600 -3.45 -27.68 -51.02
CA ILE A 600 -4.09 -28.98 -50.88
C ILE A 600 -5.57 -28.82 -51.21
N TYR A 601 -6.07 -29.71 -52.08
CA TYR A 601 -7.46 -29.71 -52.50
C TYR A 601 -8.09 -31.06 -52.18
N LYS A 602 -9.27 -31.03 -51.58
CA LYS A 602 -9.96 -32.25 -51.15
C LYS A 602 -11.42 -32.21 -51.59
N TYR A 603 -12.06 -33.37 -51.60
CA TYR A 603 -13.44 -33.50 -52.04
C TYR A 603 -14.26 -34.21 -50.97
N PRO A 604 -15.56 -33.91 -50.89
CA PRO A 604 -16.41 -34.57 -49.89
C PRO A 604 -16.85 -35.96 -50.34
N ASP A 605 -16.94 -36.86 -49.35
CA ASP A 605 -17.42 -38.21 -49.58
C ASP A 605 -18.95 -38.24 -49.57
N VAL A 606 -19.52 -39.36 -49.99
CA VAL A 606 -20.97 -39.54 -49.86
C VAL A 606 -21.33 -39.64 -48.39
N GLN A 607 -20.45 -40.19 -47.56
CA GLN A 607 -20.57 -40.16 -46.12
C GLN A 607 -20.01 -38.88 -45.52
N ASN A 608 -19.70 -37.90 -46.37
CA ASN A 608 -19.26 -36.57 -45.94
C ASN A 608 -17.94 -36.63 -45.17
N GLU A 609 -16.94 -37.24 -45.80
CA GLU A 609 -15.58 -37.27 -45.26
C GLU A 609 -14.62 -36.76 -46.33
N CYS A 610 -13.91 -35.67 -46.03
CA CYS A 610 -13.02 -35.07 -47.01
C CYS A 610 -11.79 -35.94 -47.22
N ARG A 611 -11.43 -36.15 -48.48
CA ARG A 611 -10.25 -36.92 -48.86
C ARG A 611 -9.47 -36.13 -49.91
N PRO A 612 -8.12 -36.23 -49.83
CA PRO A 612 -7.32 -35.41 -50.76
C PRO A 612 -7.49 -35.86 -52.20
N CYS A 613 -7.72 -34.88 -53.08
CA CYS A 613 -7.86 -35.16 -54.51
C CYS A 613 -6.49 -35.42 -55.13
N HIS A 614 -6.51 -35.89 -56.37
CA HIS A 614 -5.28 -36.28 -57.06
C HIS A 614 -4.35 -35.09 -57.22
N GLU A 615 -3.07 -35.39 -57.44
CA GLU A 615 -1.99 -34.41 -57.42
C GLU A 615 -2.06 -33.38 -58.54
N ASN A 616 -3.01 -33.47 -59.46
CA ASN A 616 -2.99 -32.62 -60.65
C ASN A 616 -4.35 -31.98 -60.90
N CYS A 617 -5.04 -31.56 -59.84
CA CYS A 617 -6.11 -30.59 -59.99
C CYS A 617 -5.56 -29.19 -59.67
N THR A 618 -6.26 -28.18 -60.16
CA THR A 618 -5.85 -26.81 -59.92
C THR A 618 -7.00 -26.00 -59.33
N GLN A 619 -8.14 -26.00 -60.02
CA GLN A 619 -9.32 -25.27 -59.59
C GLN A 619 -10.08 -25.97 -58.46
N GLY A 620 -9.48 -26.95 -57.81
CA GLY A 620 -10.17 -27.72 -56.80
C GLY A 620 -10.71 -29.02 -57.35
N CYS A 621 -11.79 -29.53 -56.76
CA CYS A 621 -12.39 -30.77 -57.21
C CYS A 621 -13.75 -30.95 -56.55
N LYS A 622 -14.67 -31.56 -57.30
CA LYS A 622 -15.94 -32.03 -56.77
C LYS A 622 -15.95 -33.54 -56.59
N GLY A 623 -14.82 -34.20 -56.86
CA GLY A 623 -14.69 -35.63 -56.71
C GLY A 623 -13.25 -36.06 -56.87
N PRO A 624 -12.98 -37.37 -56.75
CA PRO A 624 -11.61 -37.85 -56.88
C PRO A 624 -11.11 -37.96 -58.31
N GLU A 625 -12.01 -38.00 -59.30
CA GLU A 625 -11.62 -38.21 -60.68
C GLU A 625 -11.02 -36.95 -61.28
N LEU A 626 -10.32 -37.13 -62.40
CA LEU A 626 -9.74 -35.97 -63.10
C LEU A 626 -10.82 -35.08 -63.68
N GLN A 627 -11.95 -35.65 -64.12
CA GLN A 627 -13.04 -34.87 -64.66
C GLN A 627 -13.53 -33.81 -63.69
N ASP A 628 -13.23 -33.96 -62.39
CA ASP A 628 -13.63 -32.99 -61.37
C ASP A 628 -12.41 -32.19 -60.94
N CYS A 629 -12.11 -31.15 -61.69
CA CYS A 629 -11.15 -30.15 -61.24
C CYS A 629 -11.74 -28.74 -61.40
N ASP B 1 -3.86 -7.98 22.71
CA ASP B 1 -4.46 -6.68 23.00
C ASP B 1 -3.57 -5.55 22.50
N ILE B 2 -2.67 -5.88 21.58
CA ILE B 2 -1.68 -4.95 21.05
C ILE B 2 -0.97 -4.24 22.20
N GLN B 3 -0.13 -4.99 22.91
CA GLN B 3 0.53 -4.44 24.09
C GLN B 3 1.62 -3.46 23.69
N MET B 4 1.55 -2.25 24.25
CA MET B 4 2.50 -1.20 23.93
C MET B 4 3.77 -1.36 24.74
N THR B 5 4.91 -1.07 24.12
CA THR B 5 6.19 -1.03 24.79
C THR B 5 6.80 0.35 24.64
N GLN B 6 6.98 1.04 25.74
CA GLN B 6 7.64 2.34 25.75
C GLN B 6 9.10 2.18 26.13
N SER B 7 9.94 3.03 25.55
CA SER B 7 11.36 3.04 25.84
C SER B 7 11.85 4.48 25.79
N PRO B 8 12.69 4.91 26.74
CA PRO B 8 13.17 4.11 27.86
C PRO B 8 12.23 4.12 29.05
N SER B 9 12.49 3.27 30.04
CA SER B 9 11.67 3.27 31.25
C SER B 9 11.85 4.57 32.04
N SER B 10 13.09 4.94 32.32
CA SER B 10 13.43 6.19 32.97
C SER B 10 14.41 6.97 32.10
N LEU B 11 14.44 8.29 32.31
CA LEU B 11 15.29 9.17 31.51
C LEU B 11 15.72 10.35 32.35
N SER B 12 17.02 10.64 32.34
CA SER B 12 17.60 11.77 33.05
C SER B 12 18.09 12.78 32.01
N ALA B 13 17.44 13.93 31.95
CA ALA B 13 17.80 14.97 31.00
C ALA B 13 17.61 16.33 31.66
N SER B 14 18.38 17.31 31.20
CA SER B 14 18.39 18.65 31.76
C SER B 14 17.53 19.61 30.93
N VAL B 15 17.37 20.82 31.45
CA VAL B 15 16.55 21.83 30.80
C VAL B 15 17.26 22.31 29.54
N GLY B 16 16.58 22.21 28.40
CA GLY B 16 17.13 22.64 27.13
C GLY B 16 17.53 21.52 26.20
N ASP B 17 17.44 20.28 26.63
CA ASP B 17 17.83 19.14 25.80
C ASP B 17 16.68 18.70 24.90
N ARG B 18 17.03 17.98 23.84
CA ARG B 18 16.06 17.32 22.98
C ARG B 18 15.96 15.87 23.45
N VAL B 19 14.80 15.49 23.97
CA VAL B 19 14.56 14.14 24.44
C VAL B 19 13.68 13.40 23.45
N THR B 20 13.70 12.08 23.51
CA THR B 20 13.02 11.25 22.54
C THR B 20 12.62 9.93 23.20
N ILE B 21 11.31 9.71 23.32
CA ILE B 21 10.78 8.46 23.84
C ILE B 21 10.13 7.69 22.70
N THR B 22 10.18 6.36 22.79
CA THR B 22 9.76 5.49 21.70
C THR B 22 8.70 4.52 22.19
N CYS B 23 7.57 4.49 21.49
CA CYS B 23 6.45 3.61 21.77
C CYS B 23 6.34 2.62 20.62
N ARG B 24 6.53 1.34 20.90
CA ARG B 24 6.53 0.30 19.88
C ARG B 24 5.29 -0.56 20.01
N ALA B 25 4.59 -0.74 18.90
CA ALA B 25 3.38 -1.56 18.85
C ALA B 25 3.74 -3.01 18.55
N SER B 26 2.95 -3.93 19.10
CA SER B 26 3.17 -5.34 18.84
C SER B 26 2.84 -5.69 17.39
N GLN B 27 1.75 -5.14 16.85
CA GLN B 27 1.38 -5.30 15.46
C GLN B 27 1.20 -3.93 14.84
N SER B 28 1.05 -3.91 13.51
CA SER B 28 0.85 -2.66 12.80
C SER B 28 -0.47 -2.02 13.21
N ILE B 29 -0.40 -0.74 13.62
CA ILE B 29 -1.58 -0.04 14.12
C ILE B 29 -1.83 1.22 13.31
N SER B 30 -1.36 1.23 12.05
CA SER B 30 -1.55 2.36 11.14
C SER B 30 -1.04 3.65 11.76
N SER B 31 -1.95 4.58 12.06
CA SER B 31 -1.58 5.88 12.63
C SER B 31 -2.42 6.23 13.86
N TYR B 32 -3.01 5.23 14.52
CA TYR B 32 -3.90 5.47 15.66
C TYR B 32 -3.11 5.26 16.95
N LEU B 33 -2.41 6.31 17.37
CA LEU B 33 -1.63 6.31 18.60
C LEU B 33 -1.63 7.71 19.19
N ASN B 34 -1.84 7.80 20.50
CA ASN B 34 -1.90 9.06 21.21
C ASN B 34 -0.78 9.12 22.24
N TRP B 35 -0.54 10.33 22.74
CA TRP B 35 0.45 10.57 23.78
C TRP B 35 -0.19 11.36 24.91
N TYR B 36 0.30 11.14 26.13
CA TYR B 36 -0.27 11.79 27.30
C TYR B 36 0.84 12.20 28.27
N GLN B 37 0.56 13.24 29.05
CA GLN B 37 1.42 13.70 30.13
C GLN B 37 0.65 13.60 31.43
N GLN B 38 1.27 13.05 32.46
CA GLN B 38 0.64 12.92 33.77
C GLN B 38 1.57 13.50 34.83
N LYS B 39 1.18 14.64 35.40
CA LYS B 39 1.85 15.12 36.59
C LYS B 39 1.62 14.14 37.73
N PRO B 40 2.59 13.95 38.62
CA PRO B 40 2.42 12.99 39.72
C PRO B 40 1.22 13.34 40.60
N GLY B 41 0.24 12.44 40.63
CA GLY B 41 -0.96 12.63 41.42
C GLY B 41 -2.07 13.39 40.73
N LYS B 42 -1.84 13.91 39.53
CA LYS B 42 -2.82 14.70 38.81
C LYS B 42 -3.35 13.91 37.61
N ALA B 43 -4.45 14.40 37.05
CA ALA B 43 -5.08 13.73 35.92
C ALA B 43 -4.21 13.88 34.66
N PRO B 44 -4.20 12.87 33.81
CA PRO B 44 -3.38 12.94 32.59
C PRO B 44 -3.84 14.06 31.66
N LYS B 45 -2.90 14.56 30.87
CA LYS B 45 -3.15 15.63 29.92
C LYS B 45 -2.86 15.11 28.51
N LEU B 46 -3.74 15.45 27.56
CA LEU B 46 -3.58 15.01 26.19
C LEU B 46 -2.59 15.91 25.47
N LEU B 47 -1.55 15.31 24.90
CA LEU B 47 -0.52 16.07 24.20
C LEU B 47 -0.68 15.94 22.69
N ILE B 48 -0.42 14.74 22.17
CA ILE B 48 -0.50 14.46 20.74
C ILE B 48 -1.47 13.32 20.51
N TYR B 49 -2.45 13.53 19.64
CA TYR B 49 -3.33 12.48 19.16
C TYR B 49 -3.07 12.27 17.68
N ALA B 50 -3.46 11.09 17.20
CA ALA B 50 -3.29 10.72 15.79
C ALA B 50 -1.82 10.77 15.40
N ALA B 51 -0.96 10.23 16.26
CA ALA B 51 0.48 10.08 16.02
C ALA B 51 1.21 11.42 15.95
N SER B 52 0.65 12.40 15.26
CA SER B 52 1.38 13.65 15.00
C SER B 52 0.58 14.90 15.37
N SER B 53 -0.75 14.82 15.33
CA SER B 53 -1.58 16.00 15.54
C SER B 53 -1.41 16.52 16.97
N LEU B 54 -1.13 17.82 17.09
CA LEU B 54 -0.89 18.45 18.38
C LEU B 54 -2.20 18.98 18.95
N GLN B 55 -2.46 18.65 20.21
CA GLN B 55 -3.67 19.12 20.87
C GLN B 55 -3.60 20.61 21.14
N SER B 56 -4.74 21.29 21.01
CA SER B 56 -4.79 22.74 21.20
C SER B 56 -4.42 23.11 22.63
N GLY B 57 -3.44 23.99 22.76
CA GLY B 57 -2.97 24.41 24.07
C GLY B 57 -1.56 23.95 24.36
N VAL B 58 -1.21 22.78 23.87
CA VAL B 58 0.14 22.23 24.09
C VAL B 58 1.15 23.03 23.28
N PRO B 59 2.30 23.40 23.86
CA PRO B 59 3.27 24.21 23.12
C PRO B 59 3.80 23.52 21.88
N SER B 60 4.51 24.31 21.06
CA SER B 60 4.99 23.82 19.77
C SER B 60 6.15 22.85 19.90
N ARG B 61 6.84 22.84 21.04
CA ARG B 61 7.97 21.93 21.21
C ARG B 61 7.55 20.47 21.20
N PHE B 62 6.30 20.18 21.56
CA PHE B 62 5.80 18.81 21.55
C PHE B 62 5.45 18.41 20.11
N SER B 63 6.02 17.32 19.65
CA SER B 63 5.78 16.83 18.29
C SER B 63 5.87 15.31 18.27
N GLY B 64 4.96 14.69 17.53
CA GLY B 64 4.96 13.25 17.38
C GLY B 64 5.23 12.82 15.95
N SER B 65 5.70 11.59 15.77
CA SER B 65 6.04 11.10 14.43
C SER B 65 5.98 9.59 14.44
N GLY B 66 6.08 9.01 13.25
CA GLY B 66 6.06 7.58 13.09
C GLY B 66 4.67 7.06 12.71
N SER B 67 4.66 5.86 12.16
CA SER B 67 3.42 5.20 11.79
C SER B 67 3.67 3.70 11.68
N GLY B 68 2.59 2.93 11.85
CA GLY B 68 2.67 1.49 11.75
C GLY B 68 3.02 0.81 13.05
N THR B 69 4.31 0.75 13.36
CA THR B 69 4.77 0.06 14.57
C THR B 69 5.60 0.98 15.45
N ASP B 70 6.57 1.66 14.85
CA ASP B 70 7.50 2.50 15.59
C ASP B 70 7.00 3.95 15.60
N PHE B 71 6.66 4.44 16.78
CA PHE B 71 6.25 5.82 16.98
C PHE B 71 7.27 6.53 17.86
N THR B 72 7.20 7.86 17.86
CA THR B 72 8.19 8.66 18.56
C THR B 72 7.58 9.98 18.99
N LEU B 73 7.74 10.30 20.28
CA LEU B 73 7.34 11.59 20.82
C LEU B 73 8.61 12.39 21.10
N THR B 74 8.82 13.46 20.33
CA THR B 74 10.01 14.29 20.41
C THR B 74 9.63 15.68 20.86
N ILE B 75 10.24 16.15 21.95
CA ILE B 75 10.11 17.52 22.41
C ILE B 75 11.50 18.14 22.48
N SER B 76 11.61 19.37 22.01
CA SER B 76 12.89 20.08 21.95
C SER B 76 12.92 21.16 23.02
N SER B 77 14.11 21.38 23.59
CA SER B 77 14.32 22.34 24.67
C SER B 77 13.37 22.06 25.83
N LEU B 78 13.77 21.17 26.74
CA LEU B 78 12.94 20.83 27.89
C LEU B 78 12.65 22.07 28.72
N GLN B 79 11.45 22.10 29.29
CA GLN B 79 10.99 23.21 30.12
C GLN B 79 10.58 22.68 31.49
N PRO B 80 10.64 23.52 32.53
CA PRO B 80 10.31 23.04 33.88
C PRO B 80 8.92 22.43 34.02
N GLU B 81 7.94 22.90 33.23
CA GLU B 81 6.59 22.35 33.31
C GLU B 81 6.48 20.98 32.65
N ASP B 82 7.52 20.51 31.98
CA ASP B 82 7.47 19.29 31.19
C ASP B 82 8.14 18.10 31.87
N PHE B 83 8.45 18.21 33.15
CA PHE B 83 9.06 17.10 33.89
C PHE B 83 7.96 16.32 34.59
N ALA B 84 7.53 15.22 33.96
CA ALA B 84 6.47 14.39 34.52
C ALA B 84 6.62 12.98 33.94
N THR B 85 5.51 12.25 33.86
CA THR B 85 5.48 10.91 33.29
C THR B 85 4.62 10.92 32.03
N TYR B 86 5.10 10.25 30.98
CA TYR B 86 4.46 10.27 29.67
C TYR B 86 4.05 8.86 29.26
N TYR B 87 2.80 8.73 28.81
CA TYR B 87 2.25 7.45 28.35
C TYR B 87 1.83 7.56 26.89
N CYS B 88 1.93 6.45 26.17
CA CYS B 88 1.39 6.33 24.82
C CYS B 88 0.18 5.40 24.85
N GLN B 89 -0.84 5.76 24.07
CA GLN B 89 -2.09 5.01 24.01
C GLN B 89 -2.37 4.63 22.57
N GLN B 90 -2.76 3.38 22.34
CA GLN B 90 -3.18 2.92 21.03
C GLN B 90 -4.71 2.89 20.97
N SER B 91 -5.25 3.29 19.82
CA SER B 91 -6.69 3.31 19.60
C SER B 91 -7.08 2.53 18.35
N TYR B 92 -6.22 1.63 17.90
CA TYR B 92 -6.40 0.83 16.69
C TYR B 92 -7.27 -0.39 16.94
N SER B 93 -6.94 -1.21 17.94
CA SER B 93 -7.73 -2.37 18.30
C SER B 93 -8.94 -1.93 19.12
N THR B 94 -9.89 -2.86 19.28
CA THR B 94 -11.09 -2.53 20.06
C THR B 94 -10.74 -2.35 21.54
N PRO B 95 -9.86 -3.16 22.15
CA PRO B 95 -9.37 -2.81 23.47
C PRO B 95 -8.16 -1.88 23.39
N PRO B 96 -8.30 -0.65 23.87
CA PRO B 96 -7.14 0.25 23.93
C PRO B 96 -6.11 -0.25 24.92
N THR B 97 -4.88 0.21 24.74
CA THR B 97 -3.78 -0.20 25.59
C THR B 97 -2.81 0.96 25.76
N PHE B 98 -2.33 1.14 26.99
CA PHE B 98 -1.35 2.15 27.31
C PHE B 98 0.02 1.52 27.49
N GLY B 99 1.05 2.37 27.41
CA GLY B 99 2.40 1.90 27.67
C GLY B 99 2.73 1.89 29.15
N GLN B 100 3.91 1.35 29.46
CA GLN B 100 4.35 1.33 30.85
C GLN B 100 4.67 2.72 31.36
N GLY B 101 5.03 3.65 30.47
CA GLY B 101 5.26 5.02 30.86
C GLY B 101 6.72 5.38 31.07
N THR B 102 7.16 6.45 30.44
CA THR B 102 8.50 6.99 30.63
C THR B 102 8.44 8.14 31.63
N LYS B 103 9.40 8.17 32.55
CA LYS B 103 9.47 9.22 33.56
C LYS B 103 10.77 10.00 33.34
N VAL B 104 10.65 11.20 32.77
CA VAL B 104 11.80 12.06 32.58
C VAL B 104 12.15 12.71 33.90
N GLU B 105 13.45 12.73 34.22
CA GLU B 105 13.94 13.27 35.48
C GLU B 105 14.98 14.34 35.21
N ILE B 106 15.03 15.34 36.10
CA ILE B 106 15.94 16.45 35.94
C ILE B 106 17.36 15.96 36.15
N LYS B 107 18.22 16.19 35.16
CA LYS B 107 19.64 15.86 35.30
C LYS B 107 20.27 16.76 36.36
N ARG B 108 21.21 16.20 37.10
CA ARG B 108 21.81 16.93 38.21
C ARG B 108 23.18 16.35 38.53
N THR B 109 24.00 17.16 39.18
CA THR B 109 25.29 16.69 39.67
C THR B 109 25.10 15.76 40.88
N VAL B 110 26.05 14.85 41.06
CA VAL B 110 25.95 13.84 42.10
C VAL B 110 26.02 14.51 43.47
N ALA B 111 24.97 14.32 44.26
CA ALA B 111 24.90 14.86 45.61
C ALA B 111 24.82 13.72 46.61
N ALA B 112 25.58 13.85 47.70
CA ALA B 112 25.61 12.82 48.72
C ALA B 112 24.46 13.01 49.71
N PRO B 113 23.95 11.92 50.28
CA PRO B 113 22.85 12.01 51.22
C PRO B 113 23.31 12.39 52.62
N SER B 114 22.44 13.09 53.34
CA SER B 114 22.68 13.43 54.74
C SER B 114 22.05 12.34 55.59
N VAL B 115 22.87 11.41 56.07
CA VAL B 115 22.36 10.22 56.75
C VAL B 115 22.05 10.55 58.20
N PHE B 116 20.83 10.23 58.63
CA PHE B 116 20.39 10.38 60.01
C PHE B 116 19.73 9.10 60.46
N ILE B 117 19.92 8.75 61.74
CA ILE B 117 19.34 7.56 62.33
C ILE B 117 18.51 7.98 63.54
N PHE B 118 17.40 7.29 63.77
CA PHE B 118 16.43 7.67 64.79
C PHE B 118 16.05 6.47 65.64
N PRO B 119 16.39 6.45 66.92
CA PRO B 119 15.93 5.37 67.81
C PRO B 119 14.43 5.46 68.04
N PRO B 120 13.77 4.37 68.42
CA PRO B 120 12.33 4.42 68.65
C PRO B 120 11.98 5.18 69.91
N SER B 121 10.88 5.92 69.85
CA SER B 121 10.47 6.75 70.97
C SER B 121 9.93 5.91 72.11
N ASP B 122 9.93 6.50 73.31
CA ASP B 122 9.42 5.80 74.48
C ASP B 122 7.91 5.63 74.43
N GLU B 123 7.20 6.58 73.82
CA GLU B 123 5.76 6.43 73.66
C GLU B 123 5.42 5.25 72.76
N GLN B 124 6.31 4.93 71.81
CA GLN B 124 6.11 3.76 70.96
C GLN B 124 6.47 2.48 71.68
N LEU B 125 7.47 2.51 72.56
CA LEU B 125 7.84 1.30 73.31
C LEU B 125 6.73 0.87 74.27
N LYS B 126 5.91 1.82 74.72
CA LYS B 126 4.78 1.45 75.58
C LYS B 126 3.74 0.64 74.82
N SER B 127 3.66 0.81 73.50
CA SER B 127 2.71 0.04 72.71
C SER B 127 3.20 -1.39 72.48
N GLY B 128 4.52 -1.60 72.46
CA GLY B 128 5.07 -2.92 72.26
C GLY B 128 5.66 -3.11 70.87
N THR B 129 6.10 -2.02 70.25
CA THR B 129 6.68 -2.05 68.92
C THR B 129 7.84 -1.06 68.88
N ALA B 130 8.85 -1.39 68.06
CA ALA B 130 10.02 -0.55 67.88
C ALA B 130 10.27 -0.36 66.40
N SER B 131 10.35 0.90 65.97
CA SER B 131 10.61 1.24 64.57
C SER B 131 11.83 2.14 64.50
N VAL B 132 12.89 1.67 63.87
CA VAL B 132 14.12 2.42 63.69
C VAL B 132 14.13 3.00 62.28
N VAL B 133 14.42 4.30 62.17
CA VAL B 133 14.32 5.02 60.91
C VAL B 133 15.71 5.51 60.51
N CYS B 134 16.11 5.22 59.28
CA CYS B 134 17.36 5.68 58.69
C CYS B 134 17.03 6.59 57.53
N LEU B 135 17.51 7.84 57.60
CA LEU B 135 17.10 8.90 56.68
C LEU B 135 18.22 9.23 55.71
N LEU B 136 17.86 9.38 54.43
CA LEU B 136 18.76 9.84 53.38
C LEU B 136 18.12 11.07 52.75
N ASN B 137 18.74 12.23 52.92
CA ASN B 137 18.11 13.50 52.62
C ASN B 137 18.90 14.25 51.55
N ASN B 138 18.19 14.70 50.50
CA ASN B 138 18.71 15.62 49.50
C ASN B 138 19.94 15.06 48.79
N PHE B 139 19.73 13.96 48.07
CA PHE B 139 20.80 13.30 47.35
C PHE B 139 20.38 13.06 45.91
N TYR B 140 21.35 12.63 45.10
CA TYR B 140 21.17 12.33 43.69
C TYR B 140 22.34 11.46 43.27
N PRO B 141 22.14 10.42 42.42
CA PRO B 141 20.88 10.00 41.79
C PRO B 141 19.92 9.26 42.72
N ARG B 142 18.99 8.51 42.13
CA ARG B 142 17.92 7.93 42.91
C ARG B 142 18.35 6.66 43.63
N GLU B 143 19.18 5.83 43.00
CA GLU B 143 19.55 4.55 43.61
C GLU B 143 20.38 4.76 44.87
N ALA B 144 19.96 4.12 45.95
CA ALA B 144 20.72 4.04 47.18
C ALA B 144 20.68 2.59 47.67
N LYS B 145 21.40 2.31 48.75
CA LYS B 145 21.48 0.96 49.31
C LYS B 145 21.51 1.07 50.83
N VAL B 146 20.48 0.56 51.48
CA VAL B 146 20.35 0.63 52.93
C VAL B 146 20.32 -0.78 53.48
N GLN B 147 21.34 -1.13 54.26
CA GLN B 147 21.41 -2.41 54.95
C GLN B 147 21.48 -2.18 56.45
N TRP B 148 20.73 -2.97 57.20
CA TRP B 148 20.68 -2.86 58.65
C TRP B 148 21.60 -3.89 59.28
N LYS B 149 22.27 -3.51 60.37
CA LYS B 149 23.17 -4.37 61.10
C LYS B 149 22.87 -4.26 62.59
N VAL B 150 22.22 -5.29 63.14
CA VAL B 150 21.91 -5.35 64.56
C VAL B 150 23.00 -6.18 65.22
N ASP B 151 23.96 -5.51 65.86
CA ASP B 151 25.15 -6.15 66.40
C ASP B 151 25.92 -6.90 65.31
N ASN B 152 26.19 -6.18 64.21
CA ASN B 152 26.92 -6.72 63.05
C ASN B 152 26.22 -7.95 62.45
N ALA B 153 24.90 -8.00 62.57
CA ALA B 153 24.10 -9.09 62.00
C ALA B 153 23.21 -8.53 60.90
N LEU B 154 23.31 -9.12 59.72
CA LEU B 154 22.56 -8.65 58.56
C LEU B 154 21.08 -9.00 58.71
N GLN B 155 20.21 -8.03 58.44
CA GLN B 155 18.77 -8.20 58.57
C GLN B 155 18.12 -8.21 57.19
N SER B 156 16.97 -8.87 57.10
CA SER B 156 16.25 -8.98 55.83
C SER B 156 14.78 -9.31 56.10
N GLY B 157 13.92 -8.91 55.17
CA GLY B 157 12.51 -9.22 55.25
C GLY B 157 11.75 -8.51 56.34
N ASN B 158 12.34 -7.49 56.97
CA ASN B 158 11.68 -6.78 58.07
C ASN B 158 11.84 -5.28 57.99
N SER B 159 12.32 -4.73 56.87
CA SER B 159 12.48 -3.30 56.70
C SER B 159 11.86 -2.87 55.38
N GLN B 160 11.36 -1.64 55.35
CA GLN B 160 10.72 -1.08 54.16
C GLN B 160 11.25 0.33 53.92
N GLU B 161 11.33 0.69 52.64
CA GLU B 161 11.87 1.98 52.22
C GLU B 161 10.79 2.79 51.51
N SER B 162 11.06 4.09 51.39
CA SER B 162 10.13 5.00 50.73
C SER B 162 10.92 6.17 50.16
N VAL B 163 10.67 6.50 48.90
CA VAL B 163 11.41 7.53 48.18
C VAL B 163 10.46 8.65 47.79
N THR B 164 10.94 9.88 47.87
CA THR B 164 10.21 11.06 47.42
C THR B 164 10.61 11.42 46.00
N GLU B 165 9.74 12.18 45.33
CA GLU B 165 10.03 12.63 43.99
C GLU B 165 11.10 13.72 44.02
N GLN B 166 11.57 14.10 42.83
CA GLN B 166 12.56 15.16 42.72
C GLN B 166 11.98 16.48 43.21
N ASP B 167 12.77 17.21 44.00
CA ASP B 167 12.34 18.52 44.47
C ASP B 167 12.26 19.50 43.30
N SER B 168 11.38 20.48 43.43
CA SER B 168 11.14 21.42 42.33
C SER B 168 12.31 22.37 42.10
N LYS B 169 13.23 22.50 43.07
CA LYS B 169 14.33 23.44 42.97
C LYS B 169 15.67 22.71 42.85
N ASP B 170 16.19 22.13 43.92
CA ASP B 170 17.49 21.47 43.86
C ASP B 170 17.44 20.09 43.22
N SER B 171 16.24 19.56 42.96
CA SER B 171 16.07 18.32 42.20
C SER B 171 16.79 17.14 42.86
N THR B 172 16.56 16.97 44.15
CA THR B 172 17.19 15.90 44.92
C THR B 172 16.11 15.02 45.54
N TYR B 173 16.46 13.75 45.72
CA TYR B 173 15.53 12.78 46.29
C TYR B 173 15.68 12.72 47.80
N SER B 174 14.85 11.89 48.43
CA SER B 174 14.93 11.63 49.86
C SER B 174 14.36 10.24 50.12
N LEU B 175 15.11 9.42 50.87
CA LEU B 175 14.73 8.04 51.12
C LEU B 175 14.75 7.77 52.62
N SER B 176 13.79 6.96 53.09
CA SER B 176 13.70 6.57 54.48
C SER B 176 13.45 5.07 54.57
N SER B 177 14.31 4.38 55.29
CA SER B 177 14.18 2.95 55.52
C SER B 177 13.80 2.72 56.98
N THR B 178 12.65 2.06 57.19
CA THR B 178 12.11 1.83 58.52
C THR B 178 12.21 0.35 58.87
N LEU B 179 12.87 0.05 59.98
CA LEU B 179 13.02 -1.32 60.46
C LEU B 179 12.00 -1.55 61.57
N THR B 180 11.01 -2.40 61.31
CA THR B 180 9.95 -2.69 62.27
C THR B 180 10.33 -3.94 63.08
N LEU B 181 10.39 -3.80 64.40
CA LEU B 181 10.75 -4.89 65.29
C LEU B 181 9.83 -4.88 66.51
N SER B 182 9.69 -6.05 67.11
CA SER B 182 8.98 -6.17 68.38
C SER B 182 9.87 -5.69 69.52
N LYS B 183 9.24 -5.32 70.64
CA LYS B 183 10.00 -4.84 71.78
C LYS B 183 10.88 -5.94 72.36
N ALA B 184 10.46 -7.21 72.22
CA ALA B 184 11.28 -8.31 72.71
C ALA B 184 12.61 -8.40 71.96
N ASP B 185 12.57 -8.22 70.64
CA ASP B 185 13.81 -8.27 69.86
C ASP B 185 14.65 -7.02 70.08
N TYR B 186 14.01 -5.87 70.27
CA TYR B 186 14.75 -4.62 70.41
C TYR B 186 15.52 -4.57 71.73
N GLU B 187 15.02 -5.24 72.76
CA GLU B 187 15.67 -5.24 74.06
C GLU B 187 16.76 -6.31 74.17
N LYS B 188 17.09 -6.99 73.07
CA LYS B 188 18.11 -8.03 73.09
C LYS B 188 19.51 -7.47 72.82
N HIS B 189 19.65 -6.69 71.75
CA HIS B 189 20.95 -6.26 71.26
C HIS B 189 21.19 -4.79 71.58
N LYS B 190 22.47 -4.43 71.66
CA LYS B 190 22.89 -3.10 72.08
C LYS B 190 23.06 -2.14 70.90
N VAL B 191 23.81 -2.54 69.89
CA VAL B 191 24.24 -1.64 68.81
C VAL B 191 23.33 -1.84 67.60
N TYR B 192 22.77 -0.73 67.11
CA TYR B 192 21.99 -0.71 65.88
C TYR B 192 22.65 0.26 64.89
N ALA B 193 22.57 -0.07 63.61
CA ALA B 193 23.23 0.74 62.60
C ALA B 193 22.66 0.42 61.22
N CYS B 194 22.61 1.45 60.37
CA CYS B 194 22.25 1.30 58.97
C CYS B 194 23.44 1.67 58.10
N GLU B 195 23.71 0.84 57.10
CA GLU B 195 24.84 1.04 56.19
C GLU B 195 24.32 1.57 54.86
N VAL B 196 24.75 2.76 54.49
CA VAL B 196 24.26 3.45 53.30
C VAL B 196 25.36 3.43 52.25
N THR B 197 25.02 2.91 51.07
CA THR B 197 25.94 2.86 49.93
C THR B 197 25.36 3.72 48.81
N HIS B 198 26.08 4.78 48.44
CA HIS B 198 25.61 5.69 47.41
C HIS B 198 26.79 6.12 46.55
N GLN B 199 26.46 6.61 45.36
CA GLN B 199 27.48 7.15 44.46
C GLN B 199 28.16 8.37 45.08
N GLY B 200 27.40 9.23 45.75
CA GLY B 200 27.94 10.42 46.36
C GLY B 200 28.81 10.18 47.58
N LEU B 201 28.93 8.93 48.02
CA LEU B 201 29.72 8.60 49.21
C LEU B 201 31.04 7.96 48.79
N SER B 202 32.13 8.42 49.40
CA SER B 202 33.44 7.83 49.11
C SER B 202 33.55 6.41 49.60
N SER B 203 32.83 6.08 50.67
CA SER B 203 32.79 4.73 51.22
C SER B 203 31.49 4.59 52.00
N PRO B 204 30.88 3.40 52.02
CA PRO B 204 29.58 3.23 52.71
C PRO B 204 29.56 3.77 54.13
N VAL B 205 28.70 4.77 54.36
CA VAL B 205 28.61 5.45 55.65
C VAL B 205 27.67 4.68 56.56
N THR B 206 28.04 4.56 57.83
CA THR B 206 27.27 3.82 58.82
C THR B 206 27.06 4.68 60.06
N LYS B 207 25.81 4.94 60.40
CA LYS B 207 25.45 5.69 61.60
C LYS B 207 24.93 4.71 62.65
N SER B 208 25.48 4.79 63.86
CA SER B 208 25.20 3.82 64.91
C SER B 208 24.68 4.51 66.16
N PHE B 209 24.05 3.69 67.01
CA PHE B 209 23.59 4.14 68.34
C PHE B 209 23.41 2.91 69.21
N ASN B 210 23.27 3.16 70.51
CA ASN B 210 23.07 2.10 71.49
C ASN B 210 21.74 2.30 72.20
N ARG B 211 21.13 1.18 72.62
CA ARG B 211 19.84 1.25 73.30
C ARG B 211 19.99 1.93 74.66
N GLY B 212 19.21 2.98 74.87
CA GLY B 212 19.24 3.74 76.10
C GLY B 212 20.26 4.86 76.14
N GLU B 213 21.34 4.74 75.37
CA GLU B 213 22.39 5.75 75.37
C GLU B 213 22.13 6.81 74.31
N GLN C 21 -16.77 26.49 30.48
CA GLN C 21 -15.69 25.59 30.08
C GLN C 21 -16.06 24.14 30.34
N VAL C 22 -15.34 23.23 29.70
CA VAL C 22 -15.56 21.80 29.89
C VAL C 22 -14.90 21.36 31.19
N GLN C 23 -15.66 20.63 32.01
CA GLN C 23 -15.13 20.19 33.30
C GLN C 23 -15.88 18.93 33.73
N LEU C 24 -15.12 17.93 34.18
CA LEU C 24 -15.69 16.67 34.64
C LEU C 24 -15.41 16.52 36.13
N VAL C 25 -16.46 16.35 36.93
CA VAL C 25 -16.36 16.22 38.37
C VAL C 25 -16.81 14.82 38.76
N GLN C 26 -15.97 14.11 39.50
CA GLN C 26 -16.26 12.77 39.95
C GLN C 26 -16.69 12.77 41.42
N SER C 27 -17.13 11.61 41.90
CA SER C 27 -17.56 11.47 43.27
C SER C 27 -16.36 11.35 44.21
N GLY C 28 -16.66 11.34 45.51
CA GLY C 28 -15.63 11.26 46.51
C GLY C 28 -15.01 9.87 46.61
N ALA C 29 -13.98 9.78 47.44
CA ALA C 29 -13.28 8.52 47.63
C ALA C 29 -14.19 7.51 48.33
N GLU C 30 -14.01 6.24 47.98
CA GLU C 30 -14.79 5.15 48.53
C GLU C 30 -13.87 4.10 49.13
N VAL C 31 -14.33 3.47 50.21
CA VAL C 31 -13.61 2.40 50.88
C VAL C 31 -14.53 1.21 50.97
N LYS C 32 -14.17 0.11 50.32
CA LYS C 32 -15.00 -1.08 50.25
C LYS C 32 -14.22 -2.29 50.77
N LYS C 33 -14.97 -3.30 51.20
CA LYS C 33 -14.44 -4.56 51.65
C LYS C 33 -14.50 -5.59 50.52
N PRO C 34 -13.57 -6.55 50.50
CA PRO C 34 -13.54 -7.53 49.40
C PRO C 34 -14.85 -8.29 49.22
N GLY C 35 -15.54 -8.02 48.12
CA GLY C 35 -16.82 -8.65 47.81
C GLY C 35 -17.96 -7.68 47.60
N ALA C 36 -17.80 -6.43 48.00
CA ALA C 36 -18.88 -5.43 47.86
C ALA C 36 -18.92 -4.88 46.44
N SER C 37 -19.61 -3.74 46.27
CA SER C 37 -19.74 -3.10 44.99
C SER C 37 -19.60 -1.59 45.17
N VAL C 38 -19.08 -0.94 44.14
CA VAL C 38 -18.85 0.51 44.15
C VAL C 38 -19.40 1.10 42.86
N LYS C 39 -20.10 2.22 42.97
CA LYS C 39 -20.72 2.91 41.83
C LYS C 39 -20.24 4.36 41.84
N VAL C 40 -19.21 4.64 41.04
CA VAL C 40 -18.61 5.98 40.98
C VAL C 40 -19.30 6.78 39.90
N SER C 41 -19.61 8.04 40.20
CA SER C 41 -20.28 8.94 39.27
C SER C 41 -19.27 9.89 38.62
N CYS C 42 -19.73 10.56 37.57
CA CYS C 42 -18.88 11.48 36.80
C CYS C 42 -19.79 12.56 36.23
N LYS C 43 -19.89 13.68 36.93
CA LYS C 43 -20.80 14.76 36.55
C LYS C 43 -20.14 15.63 35.49
N ALA C 44 -20.78 15.71 34.32
CA ALA C 44 -20.26 16.48 33.20
C ALA C 44 -20.97 17.83 33.09
N SER C 45 -20.22 18.84 32.66
CA SER C 45 -20.77 20.17 32.48
C SER C 45 -19.85 20.94 31.56
N GLY C 46 -20.44 21.74 30.66
CA GLY C 46 -19.69 22.57 29.74
C GLY C 46 -19.73 22.12 28.30
N TYR C 47 -20.41 21.02 27.99
CA TYR C 47 -20.48 20.53 26.62
C TYR C 47 -21.74 19.71 26.45
N THR C 48 -22.03 19.36 25.20
CA THR C 48 -23.18 18.50 24.90
C THR C 48 -22.88 17.09 25.38
N PHE C 49 -23.53 16.69 26.48
CA PHE C 49 -23.20 15.42 27.13
C PHE C 49 -23.39 14.24 26.18
N THR C 50 -24.45 14.26 25.38
CA THR C 50 -24.74 13.16 24.47
C THR C 50 -23.93 13.21 23.19
N GLY C 51 -22.99 14.14 23.05
CA GLY C 51 -22.26 14.31 21.82
C GLY C 51 -20.97 13.51 21.75
N TYR C 52 -20.39 13.20 22.90
CA TYR C 52 -19.09 12.54 22.96
C TYR C 52 -19.15 11.35 23.90
N TYR C 53 -18.49 10.26 23.52
CA TYR C 53 -18.46 9.07 24.34
C TYR C 53 -17.68 9.33 25.63
N MET C 54 -17.98 8.53 26.65
CA MET C 54 -17.35 8.64 27.96
C MET C 54 -16.52 7.40 28.22
N HIS C 55 -15.21 7.58 28.40
CA HIS C 55 -14.30 6.48 28.67
C HIS C 55 -13.99 6.41 30.17
N TRP C 56 -13.70 5.19 30.62
CA TRP C 56 -13.33 4.93 32.02
C TRP C 56 -11.97 4.26 32.05
N VAL C 57 -11.03 4.87 32.77
CA VAL C 57 -9.66 4.37 32.89
C VAL C 57 -9.26 4.37 34.35
N ARG C 58 -8.70 3.26 34.82
CA ARG C 58 -8.21 3.15 36.18
C ARG C 58 -6.69 3.04 36.18
N GLN C 59 -6.09 3.40 37.31
CA GLN C 59 -4.64 3.36 37.48
C GLN C 59 -4.34 2.88 38.88
N ALA C 60 -3.74 1.69 38.99
CA ALA C 60 -3.32 1.20 40.29
C ALA C 60 -2.20 2.09 40.84
N PRO C 61 -2.08 2.20 42.17
CA PRO C 61 -1.06 3.07 42.75
C PRO C 61 0.34 2.70 42.29
N GLY C 62 1.00 3.65 41.63
CA GLY C 62 2.33 3.41 41.11
C GLY C 62 2.40 2.42 39.97
N GLN C 63 1.35 2.37 39.16
CA GLN C 63 1.28 1.43 38.04
C GLN C 63 0.83 2.18 36.79
N GLY C 64 0.69 1.44 35.69
CA GLY C 64 0.25 2.00 34.44
C GLY C 64 -1.25 2.24 34.42
N LEU C 65 -1.74 2.56 33.23
CA LEU C 65 -3.15 2.82 33.02
C LEU C 65 -3.84 1.58 32.44
N GLU C 66 -5.16 1.51 32.64
CA GLU C 66 -5.93 0.35 32.21
C GLU C 66 -7.31 0.81 31.78
N TRP C 67 -7.65 0.57 30.52
CA TRP C 67 -8.93 0.98 29.98
C TRP C 67 -9.99 -0.07 30.29
N MET C 68 -11.15 0.39 30.74
CA MET C 68 -12.23 -0.50 31.17
C MET C 68 -13.41 -0.55 30.20
N GLY C 69 -13.85 0.58 29.67
CA GLY C 69 -14.98 0.62 28.77
C GLY C 69 -15.44 2.03 28.43
N TRP C 70 -16.21 2.16 27.35
CA TRP C 70 -16.82 3.43 27.01
C TRP C 70 -18.33 3.28 26.97
N ILE C 71 -19.03 4.42 27.05
CA ILE C 71 -20.48 4.47 27.02
C ILE C 71 -20.92 5.50 26.00
N ASN C 72 -21.87 5.13 25.14
CA ASN C 72 -22.51 6.10 24.26
C ASN C 72 -23.58 6.82 25.06
N PRO C 73 -23.36 8.09 25.42
CA PRO C 73 -24.31 8.80 26.28
C PRO C 73 -25.61 9.19 25.60
N ASN C 74 -25.78 8.87 24.32
CA ASN C 74 -27.00 9.19 23.59
C ASN C 74 -27.89 7.97 23.40
N SER C 75 -27.31 6.85 22.97
CA SER C 75 -28.09 5.63 22.77
C SER C 75 -28.05 4.70 23.97
N GLY C 76 -26.99 4.76 24.77
CA GLY C 76 -26.81 3.84 25.86
C GLY C 76 -25.95 2.62 25.55
N GLY C 77 -25.36 2.57 24.36
CA GLY C 77 -24.55 1.41 24.01
C GLY C 77 -23.27 1.36 24.84
N THR C 78 -22.87 0.14 25.21
CA THR C 78 -21.72 -0.10 26.05
C THR C 78 -20.70 -0.94 25.30
N ASN C 79 -19.45 -0.94 25.81
CA ASN C 79 -18.37 -1.72 25.19
C ASN C 79 -17.31 -1.94 26.27
N TYR C 80 -17.53 -2.96 27.08
CA TYR C 80 -16.62 -3.27 28.18
C TYR C 80 -15.44 -4.07 27.67
N ALA C 81 -14.31 -3.94 28.36
CA ALA C 81 -13.14 -4.75 28.07
C ALA C 81 -13.37 -6.20 28.48
N GLN C 82 -12.69 -7.11 27.79
CA GLN C 82 -12.90 -8.53 28.04
C GLN C 82 -12.51 -8.91 29.47
N LYS C 83 -11.53 -8.24 30.05
CA LYS C 83 -11.10 -8.57 31.41
C LYS C 83 -12.20 -8.24 32.42
N PHE C 84 -12.92 -7.13 32.22
CA PHE C 84 -13.94 -6.69 33.15
C PHE C 84 -15.35 -7.05 32.73
N GLN C 85 -15.54 -7.52 31.50
CA GLN C 85 -16.88 -7.83 31.01
C GLN C 85 -17.52 -8.92 31.84
N GLY C 86 -18.67 -8.61 32.44
CA GLY C 86 -19.37 -9.52 33.32
C GLY C 86 -19.59 -8.97 34.72
N ARG C 87 -18.78 -8.01 35.15
CA ARG C 87 -18.94 -7.43 36.48
C ARG C 87 -18.76 -5.92 36.46
N VAL C 88 -19.04 -5.29 35.32
CA VAL C 88 -19.03 -3.83 35.21
C VAL C 88 -20.30 -3.41 34.47
N THR C 89 -21.05 -2.50 35.07
CA THR C 89 -22.29 -1.98 34.49
C THR C 89 -22.20 -0.46 34.52
N MET C 90 -21.96 0.14 33.36
CA MET C 90 -21.87 1.59 33.23
C MET C 90 -23.15 2.11 32.59
N THR C 91 -23.71 3.17 33.18
CA THR C 91 -24.98 3.70 32.72
C THR C 91 -24.90 5.20 32.43
N ARG C 92 -26.06 5.84 32.25
CA ARG C 92 -26.11 7.26 31.94
C ARG C 92 -27.40 7.86 32.48
N ASP C 93 -27.39 9.17 32.69
CA ASP C 93 -28.55 9.93 33.15
C ASP C 93 -28.52 11.27 32.43
N THR C 94 -29.17 11.33 31.26
CA THR C 94 -29.13 12.53 30.43
C THR C 94 -29.89 13.70 31.05
N SER C 95 -30.78 13.44 32.00
CA SER C 95 -31.54 14.53 32.62
C SER C 95 -30.64 15.42 33.47
N ILE C 96 -29.53 14.88 33.97
CA ILE C 96 -28.59 15.63 34.78
C ILE C 96 -27.18 15.60 34.24
N SER C 97 -26.95 14.96 33.09
CA SER C 97 -25.64 14.87 32.45
C SER C 97 -24.62 14.23 33.39
N THR C 98 -24.86 12.97 33.74
CA THR C 98 -24.01 12.24 34.66
C THR C 98 -23.86 10.80 34.18
N ALA C 99 -22.62 10.31 34.22
CA ALA C 99 -22.30 8.94 33.85
C ALA C 99 -21.90 8.15 35.09
N TYR C 100 -22.33 6.91 35.16
CA TYR C 100 -22.05 6.03 36.29
C TYR C 100 -21.33 4.78 35.83
N MET C 101 -20.45 4.28 36.69
CA MET C 101 -19.78 3.00 36.47
C MET C 101 -19.87 2.20 37.76
N GLU C 102 -20.44 1.01 37.69
CA GLU C 102 -20.61 0.15 38.86
C GLU C 102 -19.76 -1.11 38.67
N LEU C 103 -18.65 -1.18 39.38
CA LEU C 103 -17.81 -2.37 39.39
C LEU C 103 -18.16 -3.20 40.62
N SER C 104 -18.82 -4.33 40.40
CA SER C 104 -19.13 -5.27 41.45
C SER C 104 -18.11 -6.42 41.41
N ARG C 105 -18.25 -7.35 42.36
CA ARG C 105 -17.31 -8.47 42.49
C ARG C 105 -15.88 -7.94 42.68
N LEU C 106 -15.71 -7.22 43.78
CA LEU C 106 -14.46 -6.51 44.02
C LEU C 106 -13.39 -7.44 44.56
N ARG C 107 -12.13 -7.07 44.29
CA ARG C 107 -10.96 -7.79 44.76
C ARG C 107 -9.96 -6.79 45.32
N SER C 108 -8.91 -7.30 45.94
CA SER C 108 -7.86 -6.41 46.44
C SER C 108 -7.06 -5.79 45.31
N ASP C 109 -7.05 -6.42 44.13
CA ASP C 109 -6.36 -5.87 42.96
C ASP C 109 -7.18 -4.81 42.23
N ASP C 110 -8.39 -4.51 42.68
CA ASP C 110 -9.18 -3.45 42.09
C ASP C 110 -8.95 -2.09 42.76
N THR C 111 -8.05 -2.03 43.73
CA THR C 111 -7.71 -0.76 44.39
C THR C 111 -6.94 0.11 43.41
N ALA C 112 -7.52 1.24 43.00
CA ALA C 112 -6.91 2.11 42.02
C ALA C 112 -7.61 3.47 42.08
N VAL C 113 -7.12 4.39 41.25
CA VAL C 113 -7.74 5.70 41.08
C VAL C 113 -8.48 5.68 39.74
N TYR C 114 -9.80 5.78 39.78
CA TYR C 114 -10.64 5.60 38.61
C TYR C 114 -10.98 6.98 38.02
N TYR C 115 -10.46 7.25 36.84
CA TYR C 115 -10.75 8.48 36.11
C TYR C 115 -11.84 8.24 35.07
N CYS C 116 -12.58 9.30 34.76
CA CYS C 116 -13.51 9.30 33.64
C CYS C 116 -13.04 10.32 32.61
N ALA C 117 -12.97 9.89 31.35
CA ALA C 117 -12.43 10.72 30.29
C ALA C 117 -13.43 10.83 29.15
N ARG C 118 -13.34 11.95 28.42
CA ARG C 118 -14.25 12.24 27.32
C ARG C 118 -13.56 11.99 26.00
N ASP C 119 -14.28 11.32 25.08
CA ASP C 119 -13.79 11.18 23.71
C ASP C 119 -13.83 12.53 23.01
N HIS C 120 -12.81 12.81 22.19
CA HIS C 120 -12.69 14.11 21.56
C HIS C 120 -13.42 14.21 20.23
N GLY C 121 -14.18 13.19 19.86
CA GLY C 121 -14.91 13.22 18.61
C GLY C 121 -16.41 13.06 18.75
N SER C 122 -17.17 13.96 18.12
CA SER C 122 -18.63 13.84 18.16
C SER C 122 -19.10 12.64 17.33
N ARG C 123 -18.50 12.44 16.16
CA ARG C 123 -18.77 11.26 15.34
C ARG C 123 -17.71 10.21 15.66
N HIS C 124 -18.13 9.15 16.35
CA HIS C 124 -17.18 8.26 17.01
C HIS C 124 -16.34 7.47 16.02
N PHE C 125 -16.86 7.20 14.82
CA PHE C 125 -16.11 6.36 13.88
C PHE C 125 -14.83 7.05 13.41
N TRP C 126 -14.85 8.38 13.29
CA TRP C 126 -13.67 9.14 12.90
C TRP C 126 -12.87 9.63 14.10
N SER C 127 -13.30 9.30 15.31
CA SER C 127 -12.54 9.68 16.50
C SER C 127 -11.28 8.81 16.63
N TYR C 128 -10.23 9.42 17.17
CA TYR C 128 -8.99 8.72 17.44
C TYR C 128 -8.90 8.27 18.90
N TRP C 129 -10.01 8.34 19.64
CA TRP C 129 -10.08 7.87 21.02
C TRP C 129 -9.04 8.55 21.89
N GLY C 130 -8.84 9.85 21.67
CA GLY C 130 -7.97 10.66 22.51
C GLY C 130 -8.78 11.41 23.54
N PHE C 131 -8.32 11.35 24.79
CA PHE C 131 -9.05 11.89 25.93
C PHE C 131 -8.55 13.30 26.21
N ASP C 132 -9.34 14.30 25.84
CA ASP C 132 -8.93 15.69 25.99
C ASP C 132 -9.29 16.27 27.35
N TYR C 133 -10.36 15.78 27.98
CA TYR C 133 -10.79 16.26 29.28
C TYR C 133 -10.96 15.09 30.23
N TRP C 134 -10.43 15.23 31.44
CA TRP C 134 -10.44 14.18 32.45
C TRP C 134 -11.12 14.69 33.72
N GLY C 135 -11.46 13.75 34.60
CA GLY C 135 -11.94 14.07 35.92
C GLY C 135 -10.80 14.26 36.90
N GLN C 136 -11.17 14.54 38.15
CA GLN C 136 -10.16 14.77 39.18
C GLN C 136 -9.61 13.47 39.75
N GLY C 137 -10.30 12.34 39.54
CA GLY C 137 -9.82 11.07 40.04
C GLY C 137 -10.47 10.67 41.34
N THR C 138 -11.03 9.46 41.38
CA THR C 138 -11.68 8.91 42.57
C THR C 138 -10.88 7.72 43.07
N LEU C 139 -10.40 7.82 44.30
CA LEU C 139 -9.67 6.71 44.91
C LEU C 139 -10.63 5.71 45.51
N VAL C 140 -10.45 4.44 45.15
CA VAL C 140 -11.28 3.35 45.65
C VAL C 140 -10.36 2.31 46.27
N THR C 141 -10.32 2.24 47.59
CA THR C 141 -9.46 1.33 48.31
C THR C 141 -10.27 0.10 48.75
N VAL C 142 -9.84 -1.07 48.28
CA VAL C 142 -10.50 -2.34 48.58
C VAL C 142 -9.50 -3.21 49.32
N SER C 143 -9.68 -3.36 50.63
CA SER C 143 -8.81 -4.20 51.44
C SER C 143 -9.63 -4.80 52.56
N SER C 144 -9.13 -5.91 53.11
CA SER C 144 -9.81 -6.60 54.19
C SER C 144 -9.64 -5.90 55.54
N ALA C 145 -8.80 -4.87 55.62
CA ALA C 145 -8.59 -4.19 56.89
C ALA C 145 -9.77 -3.31 57.25
N SER C 146 -9.84 -2.92 58.51
CA SER C 146 -10.88 -2.06 59.03
C SER C 146 -10.34 -0.66 59.26
N THR C 147 -11.26 0.31 59.28
CA THR C 147 -10.90 1.71 59.46
C THR C 147 -10.28 1.95 60.83
N LYS C 148 -8.99 2.29 60.86
CA LYS C 148 -8.26 2.48 62.10
C LYS C 148 -7.56 3.83 62.10
N GLY C 149 -7.57 4.49 63.25
CA GLY C 149 -6.91 5.76 63.41
C GLY C 149 -5.40 5.63 63.52
N PRO C 150 -4.69 6.71 63.21
CA PRO C 150 -3.22 6.64 63.21
C PRO C 150 -2.62 6.85 64.59
N SER C 151 -1.43 6.30 64.78
CA SER C 151 -0.64 6.47 66.00
C SER C 151 0.58 7.30 65.67
N VAL C 152 0.75 8.41 66.37
CA VAL C 152 1.81 9.37 66.10
C VAL C 152 2.92 9.19 67.13
N PHE C 153 4.13 8.90 66.65
CA PHE C 153 5.29 8.67 67.50
C PHE C 153 6.41 9.60 67.06
N PRO C 154 7.08 10.28 68.00
CA PRO C 154 8.10 11.26 67.63
C PRO C 154 9.44 10.62 67.28
N LEU C 155 10.21 11.35 66.47
CA LEU C 155 11.56 10.96 66.08
C LEU C 155 12.49 12.12 66.42
N ALA C 156 13.20 12.01 67.58
CA ALA C 156 14.02 13.07 68.15
C ALA C 156 15.43 13.06 67.54
N PRO C 157 16.06 14.23 67.46
CA PRO C 157 17.41 14.30 66.89
C PRO C 157 18.44 13.62 67.78
N SER C 158 19.61 13.39 67.20
CA SER C 158 20.71 12.75 67.90
C SER C 158 22.04 13.42 67.59
N GLY C 165 25.44 21.70 64.68
CA GLY C 165 25.37 22.32 63.37
C GLY C 165 24.01 22.23 62.72
N THR C 166 23.68 21.05 62.20
CA THR C 166 22.41 20.81 61.53
C THR C 166 21.72 19.63 62.18
N ALA C 167 20.47 19.82 62.58
CA ALA C 167 19.67 18.78 63.22
C ALA C 167 18.53 18.34 62.31
N ALA C 168 18.06 17.12 62.54
CA ALA C 168 16.97 16.55 61.76
C ALA C 168 16.00 15.83 62.69
N LEU C 169 14.72 16.15 62.57
CA LEU C 169 13.68 15.55 63.39
C LEU C 169 12.46 15.26 62.52
N GLY C 170 11.50 14.54 63.08
CA GLY C 170 10.30 14.22 62.33
C GLY C 170 9.33 13.41 63.18
N CYS C 171 8.23 13.03 62.53
CA CYS C 171 7.17 12.24 63.15
C CYS C 171 7.00 10.95 62.36
N LEU C 172 6.26 10.01 62.96
CA LEU C 172 6.06 8.68 62.38
C LEU C 172 4.59 8.32 62.53
N VAL C 173 3.84 8.44 61.43
CA VAL C 173 2.43 8.09 61.40
C VAL C 173 2.34 6.61 61.05
N LYS C 174 2.12 5.77 62.05
CA LYS C 174 2.18 4.32 61.91
C LYS C 174 0.81 3.69 62.11
N ASP C 175 0.53 2.66 61.32
CA ASP C 175 -0.66 1.82 61.47
C ASP C 175 -1.96 2.62 61.37
N TYR C 176 -2.39 2.90 60.14
CA TYR C 176 -3.69 3.52 59.91
C TYR C 176 -4.27 2.95 58.62
N PHE C 177 -5.57 3.19 58.44
CA PHE C 177 -6.30 2.76 57.26
C PHE C 177 -7.63 3.51 57.21
N PRO C 178 -8.05 4.02 56.04
CA PRO C 178 -7.37 4.01 54.75
C PRO C 178 -6.75 5.36 54.39
N GLU C 179 -6.00 5.42 53.28
CA GLU C 179 -5.45 6.67 52.75
C GLU C 179 -6.57 7.67 52.51
N PRO C 180 -6.30 8.98 52.57
CA PRO C 180 -5.02 9.64 52.84
C PRO C 180 -4.96 10.40 54.16
N VAL C 181 -3.74 10.75 54.59
CA VAL C 181 -3.53 11.57 55.78
C VAL C 181 -2.89 12.89 55.34
N THR C 182 -3.12 13.92 56.13
CA THR C 182 -2.57 15.26 55.88
C THR C 182 -1.72 15.65 57.07
N VAL C 183 -0.41 15.77 56.85
CA VAL C 183 0.54 16.10 57.91
C VAL C 183 1.06 17.50 57.66
N SER C 184 0.97 18.36 58.66
CA SER C 184 1.45 19.74 58.59
C SER C 184 2.13 20.11 59.91
N TRP C 185 3.26 20.79 59.81
CA TRP C 185 4.06 21.17 60.98
C TRP C 185 3.69 22.59 61.41
N ASN C 186 3.48 22.76 62.72
CA ASN C 186 3.13 24.06 63.30
C ASN C 186 1.89 24.66 62.62
N SER C 187 0.92 23.80 62.30
CA SER C 187 -0.31 24.20 61.63
C SER C 187 -0.04 24.92 60.31
N GLY C 188 1.08 24.58 59.66
CA GLY C 188 1.46 25.18 58.40
C GLY C 188 2.46 26.31 58.52
N ALA C 189 2.93 26.62 59.72
CA ALA C 189 3.88 27.72 59.88
C ALA C 189 5.26 27.35 59.33
N LEU C 190 5.70 26.11 59.57
CA LEU C 190 7.00 25.65 59.11
C LEU C 190 6.82 24.83 57.85
N THR C 191 7.38 25.30 56.74
CA THR C 191 7.34 24.60 55.47
C THR C 191 8.71 24.36 54.85
N SER C 192 9.77 24.97 55.38
CA SER C 192 11.10 24.85 54.80
C SER C 192 11.72 23.52 55.21
N GLY C 193 12.12 22.72 54.21
CA GLY C 193 12.79 21.46 54.47
C GLY C 193 11.90 20.30 54.87
N VAL C 194 10.57 20.46 54.78
CA VAL C 194 9.66 19.41 55.19
C VAL C 194 9.56 18.35 54.09
N HIS C 195 9.79 17.10 54.46
CA HIS C 195 9.69 15.97 53.53
C HIS C 195 8.75 14.94 54.13
N THR C 196 7.58 14.77 53.52
CA THR C 196 6.59 13.79 53.96
C THR C 196 6.63 12.60 53.00
N PHE C 197 7.14 11.48 53.48
CA PHE C 197 7.34 10.31 52.62
C PHE C 197 6.00 9.68 52.25
N PRO C 198 5.93 9.05 51.06
CA PRO C 198 4.72 8.30 50.71
C PRO C 198 4.50 7.14 51.68
N ALA C 199 3.23 6.83 51.91
CA ALA C 199 2.87 5.78 52.84
C ALA C 199 3.17 4.41 52.24
N VAL C 200 3.83 3.56 53.03
CA VAL C 200 4.14 2.19 52.62
C VAL C 200 3.10 1.25 53.23
N LEU C 201 2.66 0.28 52.44
CA LEU C 201 1.62 -0.67 52.86
C LEU C 201 2.28 -1.88 53.50
N GLN C 202 2.05 -2.07 54.80
CA GLN C 202 2.63 -3.19 55.51
C GLN C 202 1.86 -4.47 55.22
N SER C 203 2.45 -5.60 55.64
CA SER C 203 1.83 -6.90 55.42
C SER C 203 0.53 -7.06 56.20
N SER C 204 0.34 -6.29 57.28
CA SER C 204 -0.88 -6.36 58.05
C SER C 204 -2.04 -5.65 57.36
N GLY C 205 -1.79 -4.89 56.31
CA GLY C 205 -2.83 -4.16 55.63
C GLY C 205 -2.99 -2.71 56.03
N LEU C 206 -2.09 -2.18 56.86
CA LEU C 206 -2.13 -0.80 57.29
C LEU C 206 -0.95 -0.03 56.74
N TYR C 207 -1.09 1.28 56.67
CA TYR C 207 -0.09 2.17 56.08
C TYR C 207 0.82 2.75 57.15
N SER C 208 2.11 2.83 56.83
CA SER C 208 3.11 3.49 57.67
C SER C 208 3.66 4.68 56.91
N LEU C 209 3.86 5.80 57.62
CA LEU C 209 4.23 7.04 56.98
C LEU C 209 5.15 7.83 57.90
N SER C 210 6.22 8.39 57.33
CA SER C 210 7.17 9.21 58.06
C SER C 210 7.21 10.60 57.45
N SER C 211 7.47 11.60 58.30
CA SER C 211 7.50 13.00 57.88
C SER C 211 8.62 13.70 58.65
N VAL C 212 9.78 13.88 58.00
CA VAL C 212 10.95 14.46 58.63
C VAL C 212 11.17 15.88 58.13
N VAL C 213 11.77 16.71 58.99
CA VAL C 213 12.09 18.10 58.69
C VAL C 213 13.48 18.40 59.23
N THR C 214 14.28 19.12 58.44
CA THR C 214 15.60 19.56 58.86
C THR C 214 15.53 20.99 59.38
N VAL C 215 16.16 21.23 60.52
CA VAL C 215 16.19 22.55 61.15
C VAL C 215 17.59 22.82 61.68
N PRO C 216 17.95 24.09 61.81
CA PRO C 216 19.26 24.42 62.40
C PRO C 216 19.35 23.92 63.84
N SER C 217 20.54 23.42 64.21
CA SER C 217 20.75 22.89 65.55
C SER C 217 20.70 23.98 66.61
N SER C 218 20.86 25.25 66.22
CA SER C 218 20.77 26.34 67.19
C SER C 218 19.35 26.51 67.71
N SER C 219 18.35 26.37 66.84
CA SER C 219 16.97 26.49 67.25
C SER C 219 16.45 25.26 67.98
N LEU C 220 17.22 24.17 67.99
CA LEU C 220 16.84 22.93 68.68
C LEU C 220 16.86 23.18 70.19
N GLY C 221 15.71 23.51 70.76
CA GLY C 221 15.57 23.80 72.17
C GLY C 221 14.98 25.16 72.48
N THR C 222 14.99 26.09 71.53
CA THR C 222 14.43 27.42 71.73
C THR C 222 13.12 27.64 71.00
N GLN C 223 12.75 26.76 70.06
CA GLN C 223 11.52 26.88 69.31
C GLN C 223 10.76 25.56 69.38
N THR C 224 9.44 25.65 69.51
CA THR C 224 8.59 24.47 69.63
C THR C 224 8.25 23.94 68.24
N TYR C 225 8.46 22.63 68.04
CA TYR C 225 8.15 21.95 66.80
C TYR C 225 7.07 20.90 67.06
N ILE C 226 5.92 21.06 66.42
CA ILE C 226 4.78 20.17 66.59
C ILE C 226 4.27 19.76 65.22
N CYS C 227 4.05 18.46 65.03
CA CYS C 227 3.46 17.94 63.81
C CYS C 227 1.99 17.63 64.04
N ASN C 228 1.15 17.94 63.05
CA ASN C 228 -0.29 17.80 63.16
C ASN C 228 -0.77 16.83 62.10
N VAL C 229 -1.40 15.73 62.52
CA VAL C 229 -1.88 14.68 61.63
C VAL C 229 -3.40 14.68 61.65
N ASN C 230 -4.00 14.59 60.47
CA ASN C 230 -5.45 14.56 60.32
C ASN C 230 -5.82 13.36 59.45
N HIS C 231 -6.61 12.45 60.00
CA HIS C 231 -7.08 11.27 59.28
C HIS C 231 -8.60 11.38 59.16
N LYS C 232 -9.07 11.82 57.99
CA LYS C 232 -10.49 12.04 57.80
C LYS C 232 -11.35 10.79 57.92
N PRO C 233 -10.99 9.62 57.37
CA PRO C 233 -11.90 8.47 57.45
C PRO C 233 -12.20 8.02 58.87
N SER C 234 -11.30 8.23 59.83
CA SER C 234 -11.53 7.85 61.20
C SER C 234 -11.80 9.05 62.11
N ASN C 235 -11.83 10.26 61.56
CA ASN C 235 -12.11 11.48 62.32
C ASN C 235 -11.11 11.64 63.47
N THR C 236 -9.82 11.56 63.14
CA THR C 236 -8.75 11.58 64.12
C THR C 236 -7.86 12.79 63.84
N LYS C 237 -7.71 13.65 64.85
CA LYS C 237 -6.81 14.81 64.78
C LYS C 237 -5.90 14.77 66.00
N VAL C 238 -4.61 14.54 65.77
CA VAL C 238 -3.64 14.33 66.83
C VAL C 238 -2.47 15.27 66.65
N ASP C 239 -2.10 15.98 67.72
CA ASP C 239 -0.89 16.77 67.78
C ASP C 239 0.15 16.05 68.62
N LYS C 240 1.42 16.46 68.46
CA LYS C 240 2.51 15.77 69.13
C LYS C 240 3.73 16.67 69.15
N ARG C 241 4.20 17.02 70.34
CA ARG C 241 5.47 17.72 70.48
C ARG C 241 6.63 16.75 70.36
N VAL C 242 7.76 17.25 69.87
CA VAL C 242 8.95 16.44 69.63
C VAL C 242 10.12 17.11 70.36
N GLU C 243 10.50 16.55 71.51
CA GLU C 243 11.62 17.04 72.30
C GLU C 243 12.76 16.01 72.29
N PRO C 244 14.03 16.47 72.39
CA PRO C 244 15.20 15.59 72.39
C PRO C 244 15.18 14.56 73.52
#